data_3RU0
#
_entry.id   3RU0
#
_cell.length_a   58.175
_cell.length_b   118.073
_cell.length_c   82.901
_cell.angle_alpha   90.00
_cell.angle_beta   91.58
_cell.angle_gamma   90.00
#
_symmetry.space_group_name_H-M   'P 1 21 1'
#
loop_
_entity.id
_entity.type
_entity.pdbx_description
1 polymer 'SET and MYND domain-containing protein 3'
2 non-polymer SINEFUNGIN
3 non-polymer 'ZINC ION'
4 water water
#
_entity_poly.entity_id   1
_entity_poly.type   'polypeptide(L)'
_entity_poly.pdbx_seq_one_letter_code
;MALEPLKVEKFATANRGNGLRAVTPLRPGELLFRSDPLAYTVCKGSRGVVCDRCLLGKEKLMRCSQCRVAKYCSAKCQKK
AWPDHKRECKCLKSCKPRYPPDSVRLLGRVVFKLMDGAPSESEKLYSFYDLESNINKLTEDKKEGLRQLVMTFQHFMREE
IQDASQLPPAFDLFEAFAKVICNSFTICNAEMQEVGVGLYPSISLLNHSCDPNCSIVFNGPHLLLRAVRDIEVGEELTIC
YLDMLMTSEERRKQLRDQYCFECDCFRCQTQDKDADMLTGDEQVWKEVQESLKKIEELKAHWKWEQVLAMCQAIISSNSE
RLPDINIYQLKVLDCAMDACINLGLLEEALFYGTRTMEPYRIFFPGSHPVRGVQVMKVGKLQLHQGMFPQAMKNLRLAFD
IMRVTHGREHSLIEDLILLLEECDANIRASEGHHHHHH
;
_entity_poly.pdbx_strand_id   A,B
#
loop_
_chem_comp.id
_chem_comp.type
_chem_comp.name
_chem_comp.formula
SFG non-polymer SINEFUNGIN 'C15 H23 N7 O5'
ZN non-polymer 'ZINC ION' 'Zn 2'
#
# COMPACT_ATOMS: atom_id res chain seq x y z
N LEU A 6 -18.52 29.45 29.81
CA LEU A 6 -18.43 29.84 28.36
C LEU A 6 -18.57 31.36 28.14
N LYS A 7 -17.67 31.91 27.36
CA LYS A 7 -17.67 33.34 27.12
C LYS A 7 -18.34 33.69 25.80
N VAL A 8 -18.82 32.65 25.10
CA VAL A 8 -19.42 32.79 23.78
C VAL A 8 -20.73 31.99 23.67
N GLU A 9 -21.59 32.37 22.72
CA GLU A 9 -22.84 31.67 22.43
C GLU A 9 -23.27 31.81 20.96
N LYS A 10 -23.89 30.75 20.46
CA LYS A 10 -24.55 30.75 19.18
C LYS A 10 -25.75 31.71 19.21
N PHE A 11 -25.98 32.41 18.10
CA PHE A 11 -27.18 33.23 17.92
C PHE A 11 -27.53 33.31 16.46
N ALA A 12 -28.76 33.72 16.16
CA ALA A 12 -29.18 33.95 14.78
C ALA A 12 -28.99 35.41 14.41
N THR A 13 -28.19 35.65 13.38
CA THR A 13 -27.96 37.00 12.89
C THR A 13 -29.14 37.38 12.00
N ALA A 14 -29.25 38.68 11.69
CA ALA A 14 -30.25 39.16 10.74
C ALA A 14 -30.11 38.56 9.35
N ASN A 15 -28.93 38.68 8.76
CA ASN A 15 -28.77 38.43 7.33
C ASN A 15 -27.63 37.47 6.95
N ARG A 16 -27.01 36.83 7.94
CA ARG A 16 -25.86 36.00 7.59
C ARG A 16 -25.87 34.65 8.35
N GLY A 17 -27.07 34.11 8.58
CA GLY A 17 -27.23 32.80 9.24
C GLY A 17 -26.95 32.81 10.72
N ASN A 18 -26.38 31.73 11.23
CA ASN A 18 -25.98 31.71 12.61
C ASN A 18 -24.61 32.36 12.76
N GLY A 19 -24.33 32.87 13.94
CA GLY A 19 -23.02 33.44 14.24
C GLY A 19 -22.66 33.15 15.69
N LEU A 20 -21.54 33.67 16.13
CA LEU A 20 -21.13 33.54 17.51
C LEU A 20 -21.02 34.96 18.12
N ARG A 21 -21.45 35.11 19.39
CA ARG A 21 -21.33 36.38 20.13
C ARG A 21 -20.78 36.28 21.54
N ALA A 22 -20.20 37.37 22.05
CA ALA A 22 -19.67 37.44 23.38
C ALA A 22 -20.81 37.40 24.42
N VAL A 23 -20.63 36.55 25.42
CA VAL A 23 -21.55 36.46 26.56
C VAL A 23 -21.12 37.45 27.65
N THR A 24 -19.82 37.73 27.68
CA THR A 24 -19.20 38.64 28.65
C THR A 24 -18.26 39.58 27.88
N PRO A 25 -17.83 40.70 28.52
CA PRO A 25 -16.79 41.54 27.89
C PRO A 25 -15.49 40.76 27.73
N LEU A 26 -14.83 40.89 26.58
CA LEU A 26 -13.58 40.17 26.32
C LEU A 26 -12.40 41.12 26.13
N ARG A 27 -11.26 40.69 26.64
CA ARG A 27 -10.03 41.45 26.57
C ARG A 27 -9.11 40.86 25.47
N PRO A 28 -8.20 41.68 24.93
CA PRO A 28 -7.25 41.19 23.93
C PRO A 28 -6.45 40.02 24.44
N GLY A 29 -6.44 38.92 23.68
CA GLY A 29 -5.68 37.73 24.05
C GLY A 29 -6.51 36.71 24.79
N GLU A 30 -7.73 37.05 25.18
CA GLU A 30 -8.53 36.14 25.97
C GLU A 30 -8.92 34.87 25.16
N LEU A 31 -8.66 33.71 25.75
CA LEU A 31 -9.05 32.44 25.14
C LEU A 31 -10.56 32.24 25.19
N LEU A 32 -11.14 32.05 24.03
CA LEU A 32 -12.58 31.90 23.87
C LEU A 32 -13.07 30.45 23.74
N PHE A 33 -12.29 29.63 23.03
CA PHE A 33 -12.63 28.23 22.76
C PHE A 33 -11.34 27.51 22.34
N ARG A 34 -11.23 26.24 22.69
CA ARG A 34 -10.23 25.42 22.08
C ARG A 34 -10.77 24.11 21.64
N SER A 35 -10.22 23.57 20.58
CA SER A 35 -10.78 22.38 20.02
C SER A 35 -9.77 21.57 19.23
N ASP A 36 -9.90 20.25 19.35
CA ASP A 36 -9.30 19.34 18.43
C ASP A 36 -10.28 19.24 17.26
N PRO A 37 -9.80 18.74 16.11
CA PRO A 37 -10.67 18.59 14.93
C PRO A 37 -11.74 17.52 15.14
N LEU A 38 -12.91 17.69 14.55
CA LEU A 38 -13.85 16.56 14.41
C LEU A 38 -13.17 15.48 13.56
N ALA A 39 -12.51 15.93 12.49
CA ALA A 39 -11.72 15.11 11.58
C ALA A 39 -10.71 16.02 10.89
N TYR A 40 -9.56 15.46 10.51
CA TYR A 40 -8.52 16.18 9.75
C TYR A 40 -7.65 15.22 9.03
N THR A 41 -6.89 15.74 8.06
CA THR A 41 -5.90 15.02 7.34
C THR A 41 -4.76 15.97 6.95
N VAL A 42 -3.56 15.42 6.82
CA VAL A 42 -2.41 16.10 6.24
C VAL A 42 -2.83 16.54 4.83
N CYS A 43 -2.36 17.70 4.38
CA CYS A 43 -2.72 18.22 3.06
C CYS A 43 -1.84 17.64 1.95
N LYS A 44 -2.21 17.90 0.70
CA LYS A 44 -1.61 17.28 -0.47
C LYS A 44 -0.10 17.49 -0.53
N GLY A 45 0.34 18.73 -0.36
CA GLY A 45 1.73 19.10 -0.44
C GLY A 45 2.62 18.66 0.71
N SER A 46 2.02 18.41 1.87
CA SER A 46 2.74 18.01 3.07
C SER A 46 2.72 16.51 3.33
N ARG A 47 1.90 15.76 2.57
CA ARG A 47 1.88 14.30 2.64
C ARG A 47 3.29 13.73 2.51
N GLY A 48 3.69 12.95 3.50
CA GLY A 48 5.02 12.36 3.53
C GLY A 48 6.13 13.27 4.02
N VAL A 49 5.84 14.55 4.24
CA VAL A 49 6.84 15.50 4.73
C VAL A 49 6.67 15.71 6.24
N VAL A 50 5.43 15.73 6.69
CA VAL A 50 5.13 15.89 8.10
C VAL A 50 4.40 14.66 8.61
N CYS A 51 4.40 14.48 9.91
CA CYS A 51 3.74 13.35 10.52
C CYS A 51 2.24 13.42 10.33
N ASP A 52 1.65 12.30 9.89
CA ASP A 52 0.19 12.20 9.69
C ASP A 52 -0.64 12.68 10.85
N ARG A 53 -0.14 12.42 12.06
CA ARG A 53 -0.86 12.65 13.27
C ARG A 53 -0.57 14.07 13.81
N CYS A 54 0.68 14.33 14.16
CA CYS A 54 1.06 15.57 14.87
C CYS A 54 1.43 16.74 13.93
N LEU A 55 1.52 16.48 12.63
CA LEU A 55 1.71 17.48 11.60
C LEU A 55 3.05 18.23 11.76
N LEU A 56 4.01 17.59 12.44
CA LEU A 56 5.38 18.13 12.58
C LEU A 56 6.29 17.45 11.60
N GLY A 57 7.21 18.23 11.02
CA GLY A 57 8.13 17.73 9.99
C GLY A 57 9.35 17.07 10.59
N LYS A 58 9.83 16.02 9.94
CA LYS A 58 10.99 15.27 10.41
C LYS A 58 11.74 14.69 9.23
N GLU A 59 13.07 14.58 9.39
CA GLU A 59 13.93 13.95 8.39
C GLU A 59 13.55 12.47 8.17
N LYS A 60 13.15 11.79 9.25
CA LYS A 60 12.73 10.38 9.19
C LYS A 60 11.31 10.14 9.72
N LEU A 61 10.41 9.81 8.81
CA LEU A 61 9.08 9.38 9.18
C LEU A 61 8.96 7.90 8.82
N MET A 62 8.29 7.13 9.66
CA MET A 62 8.01 5.70 9.42
C MET A 62 6.64 5.45 8.76
N ARG A 63 6.67 4.85 7.57
CA ARG A 63 5.45 4.53 6.83
C ARG A 63 4.60 3.45 7.54
N CYS A 64 3.29 3.51 7.35
CA CYS A 64 2.41 2.44 7.79
C CYS A 64 2.68 1.20 6.94
N SER A 65 2.86 0.06 7.58
CA SER A 65 3.20 -1.21 6.90
C SER A 65 2.16 -1.69 5.90
N GLN A 66 0.90 -1.46 6.24
CA GLN A 66 -0.23 -1.98 5.50
C GLN A 66 -0.52 -1.19 4.22
N CYS A 67 -0.51 0.16 4.27
CA CYS A 67 -0.73 0.96 3.05
C CYS A 67 0.53 1.58 2.45
N ARG A 68 1.55 1.79 3.27
CA ARG A 68 2.75 2.54 2.89
C ARG A 68 2.45 3.98 2.44
N VAL A 69 1.33 4.54 2.89
CA VAL A 69 0.89 5.89 2.53
C VAL A 69 0.93 6.82 3.76
N ALA A 70 0.26 6.44 4.84
CA ALA A 70 0.34 7.16 6.10
C ALA A 70 1.77 7.08 6.66
N LYS A 71 2.31 8.24 7.07
CA LYS A 71 3.65 8.27 7.66
C LYS A 71 3.61 8.94 9.02
N TYR A 72 4.46 8.47 9.93
CA TYR A 72 4.48 8.96 11.30
C TYR A 72 5.90 9.24 11.76
N CYS A 73 6.03 10.15 12.72
CA CYS A 73 7.31 10.48 13.32
C CYS A 73 7.70 9.50 14.44
N SER A 74 6.73 8.75 14.96
CA SER A 74 6.94 7.95 16.15
C SER A 74 5.93 6.83 16.24
N ALA A 75 6.28 5.78 16.99
CA ALA A 75 5.34 4.71 17.32
C ALA A 75 4.11 5.25 18.04
N LYS A 76 4.31 6.24 18.91
CA LYS A 76 3.22 6.86 19.66
C LYS A 76 2.19 7.50 18.72
N CYS A 77 2.67 8.23 17.72
CA CYS A 77 1.78 8.88 16.74
C CYS A 77 1.06 7.82 15.91
N GLN A 78 1.78 6.77 15.47
CA GLN A 78 1.15 5.68 14.70
C GLN A 78 -0.03 5.07 15.44
N LYS A 79 0.15 4.82 16.73
CA LYS A 79 -0.87 4.19 17.55
C LYS A 79 -2.07 5.10 17.79
N LYS A 80 -1.79 6.35 18.15
CA LYS A 80 -2.84 7.32 18.42
C LYS A 80 -3.66 7.62 17.17
N ALA A 81 -3.03 7.46 16.01
CA ALA A 81 -3.68 7.74 14.74
C ALA A 81 -4.50 6.54 14.24
N TRP A 82 -4.28 5.37 14.83
CA TRP A 82 -4.93 4.16 14.31
C TRP A 82 -6.47 4.22 14.22
N PRO A 83 -7.17 4.72 15.27
CA PRO A 83 -8.62 4.90 15.13
C PRO A 83 -9.06 5.70 13.91
N ASP A 84 -8.30 6.72 13.52
CA ASP A 84 -8.60 7.57 12.37
C ASP A 84 -8.08 6.95 11.09
N HIS A 85 -7.06 6.11 11.22
CA HIS A 85 -6.46 5.52 10.04
C HIS A 85 -7.05 4.15 9.67
N LYS A 86 -7.60 3.47 10.65
CA LYS A 86 -8.05 2.05 10.52
C LYS A 86 -8.88 1.79 9.24
N ARG A 87 -9.91 2.60 9.03
CA ARG A 87 -10.84 2.47 7.91
C ARG A 87 -10.39 3.11 6.58
N GLU A 88 -9.36 3.96 6.59
CA GLU A 88 -8.84 4.46 5.34
C GLU A 88 -7.60 3.73 4.78
N CYS A 89 -6.90 3.02 5.65
CA CYS A 89 -5.73 2.25 5.29
C CYS A 89 -5.85 1.46 3.95
N LYS A 90 -6.86 0.60 3.83
CA LYS A 90 -7.09 -0.24 2.67
C LYS A 90 -7.45 0.56 1.42
N CYS A 91 -8.17 1.67 1.61
CA CYS A 91 -8.53 2.59 0.49
C CYS A 91 -7.35 3.34 -0.12
N LEU A 92 -6.50 3.87 0.75
CA LEU A 92 -5.24 4.50 0.37
C LEU A 92 -4.34 3.50 -0.36
N LYS A 93 -4.22 2.31 0.19
CA LYS A 93 -3.42 1.23 -0.37
C LYS A 93 -3.82 0.88 -1.81
N SER A 94 -5.11 0.73 -2.05
CA SER A 94 -5.57 0.25 -3.35
C SER A 94 -5.29 1.25 -4.46
N CYS A 95 -5.32 2.54 -4.13
CA CYS A 95 -5.14 3.56 -5.14
C CYS A 95 -3.69 4.02 -5.38
N LYS A 96 -2.77 3.68 -4.47
CA LYS A 96 -1.35 4.04 -4.62
C LYS A 96 -0.81 3.61 -6.01
N PRO A 97 -0.14 4.53 -6.76
CA PRO A 97 0.36 5.89 -6.44
C PRO A 97 -0.68 7.03 -6.52
N ARG A 98 -1.86 6.77 -7.11
CA ARG A 98 -2.95 7.76 -7.13
C ARG A 98 -3.45 8.06 -5.72
N TYR A 99 -3.98 9.25 -5.51
CA TYR A 99 -4.27 9.75 -4.17
C TYR A 99 -5.43 10.71 -4.29
N PRO A 100 -6.43 10.60 -3.39
CA PRO A 100 -7.66 11.36 -3.60
C PRO A 100 -7.46 12.83 -3.21
N PRO A 101 -8.37 13.72 -3.64
CA PRO A 101 -8.36 15.10 -3.14
C PRO A 101 -8.47 15.10 -1.62
N ASP A 102 -7.93 16.15 -1.00
CA ASP A 102 -7.90 16.27 0.47
C ASP A 102 -9.28 16.14 1.07
N SER A 103 -10.25 16.78 0.44
CA SER A 103 -11.63 16.78 0.90
C SER A 103 -12.24 15.36 0.98
N VAL A 104 -11.83 14.49 0.06
CA VAL A 104 -12.28 13.10 -0.04
C VAL A 104 -11.72 12.30 1.12
N ARG A 105 -10.39 12.38 1.32
CA ARG A 105 -9.73 11.82 2.48
C ARG A 105 -10.32 12.34 3.80
N LEU A 106 -10.57 13.65 3.87
CA LEU A 106 -11.19 14.27 5.04
C LEU A 106 -12.58 13.68 5.33
N LEU A 107 -13.47 13.67 4.33
CA LEU A 107 -14.82 13.18 4.53
C LEU A 107 -14.85 11.67 4.80
N GLY A 108 -13.89 10.95 4.21
CA GLY A 108 -13.62 9.55 4.53
C GLY A 108 -13.49 9.30 6.02
N ARG A 109 -12.72 10.15 6.71
CA ARG A 109 -12.67 10.14 8.17
C ARG A 109 -13.98 10.58 8.86
N VAL A 110 -14.58 11.67 8.39
CA VAL A 110 -15.73 12.24 9.04
C VAL A 110 -16.87 11.20 9.20
N VAL A 111 -17.14 10.43 8.17
CA VAL A 111 -18.35 9.60 8.12
C VAL A 111 -18.39 8.57 9.24
N PHE A 112 -17.23 8.06 9.63
CA PHE A 112 -17.14 7.07 10.71
C PHE A 112 -17.11 7.74 12.05
N LYS A 113 -16.55 8.95 12.11
CA LYS A 113 -16.60 9.76 13.30
C LYS A 113 -18.04 10.05 13.74
N LEU A 114 -18.90 10.33 12.77
CA LEU A 114 -20.29 10.69 12.99
C LEU A 114 -21.09 9.58 13.63
N MET A 115 -20.56 8.36 13.59
CA MET A 115 -21.26 7.22 14.17
C MET A 115 -20.90 6.96 15.64
N ASP A 116 -19.83 7.59 16.12
CA ASP A 116 -19.48 7.51 17.55
C ASP A 116 -20.63 8.09 18.38
N GLY A 117 -21.07 7.33 19.39
CA GLY A 117 -22.16 7.75 20.27
C GLY A 117 -21.77 8.77 21.34
N ALA A 118 -20.48 8.77 21.70
CA ALA A 118 -19.92 9.80 22.60
C ALA A 118 -19.83 11.15 21.87
N PRO A 119 -20.50 12.20 22.40
CA PRO A 119 -20.47 13.54 21.77
C PRO A 119 -19.05 14.08 21.58
N SER A 120 -18.75 14.63 20.40
CA SER A 120 -17.44 15.23 20.11
C SER A 120 -17.41 16.59 20.75
N GLU A 121 -16.32 16.88 21.48
CA GLU A 121 -16.10 18.19 22.08
C GLU A 121 -16.10 19.27 20.99
N SER A 122 -15.61 18.91 19.81
CA SER A 122 -15.51 19.85 18.68
C SER A 122 -16.89 20.35 18.22
N GLU A 123 -17.93 19.64 18.65
CA GLU A 123 -19.31 19.91 18.24
C GLU A 123 -20.16 20.51 19.37
N LYS A 124 -19.51 20.97 20.44
CA LYS A 124 -20.25 21.49 21.60
C LYS A 124 -21.22 22.61 21.21
N LEU A 125 -20.80 23.53 20.35
CA LEU A 125 -21.65 24.68 19.99
C LEU A 125 -22.46 24.48 18.71
N TYR A 126 -21.96 23.62 17.83
CA TYR A 126 -22.46 23.48 16.46
C TYR A 126 -21.94 22.16 15.95
N SER A 127 -22.78 21.39 15.26
CA SER A 127 -22.40 20.05 14.83
C SER A 127 -22.09 19.99 13.33
N PHE A 128 -21.53 18.86 12.86
CA PHE A 128 -21.37 18.64 11.44
C PHE A 128 -22.69 18.90 10.71
N TYR A 129 -23.78 18.41 11.27
CA TYR A 129 -25.07 18.52 10.60
C TYR A 129 -25.64 19.95 10.56
N ASP A 130 -25.20 20.79 11.49
CA ASP A 130 -25.59 22.21 11.48
C ASP A 130 -24.85 22.99 10.41
N LEU A 131 -23.70 22.49 9.95
CA LEU A 131 -22.88 23.25 8.97
C LEU A 131 -23.65 23.72 7.75
N GLU A 132 -23.41 24.99 7.42
CA GLU A 132 -24.02 25.62 6.26
C GLU A 132 -23.46 24.99 4.99
N SER A 133 -24.34 24.65 4.05
CA SER A 133 -23.89 24.07 2.78
C SER A 133 -24.03 25.01 1.59
N ASN A 134 -24.81 26.07 1.77
CA ASN A 134 -25.14 27.02 0.68
C ASN A 134 -25.64 26.35 -0.60
N ILE A 135 -26.35 25.22 -0.46
CA ILE A 135 -26.78 24.42 -1.63
C ILE A 135 -27.60 25.25 -2.63
N ASN A 136 -28.55 26.04 -2.11
CA ASN A 136 -29.38 26.93 -2.93
C ASN A 136 -28.63 28.12 -3.55
N LYS A 137 -27.36 28.32 -3.17
CA LYS A 137 -26.56 29.43 -3.70
C LYS A 137 -25.50 29.02 -4.70
N LEU A 138 -25.23 27.73 -4.80
CA LEU A 138 -24.13 27.26 -5.64
C LEU A 138 -24.40 27.49 -7.10
N THR A 139 -23.35 27.80 -7.84
CA THR A 139 -23.38 27.85 -9.30
C THR A 139 -23.43 26.44 -9.89
N GLU A 140 -23.81 26.36 -11.17
CA GLU A 140 -23.92 25.07 -11.82
C GLU A 140 -22.54 24.42 -11.97
N ASP A 141 -21.53 25.24 -12.22
CA ASP A 141 -20.18 24.74 -12.39
C ASP A 141 -19.67 24.13 -11.08
N LYS A 142 -19.97 24.80 -9.97
CA LYS A 142 -19.64 24.27 -8.66
C LYS A 142 -20.38 22.94 -8.34
N LYS A 143 -21.68 22.89 -8.60
CA LYS A 143 -22.47 21.67 -8.36
C LYS A 143 -21.93 20.52 -9.20
N GLU A 144 -21.44 20.84 -10.40
CA GLU A 144 -20.79 19.83 -11.22
C GLU A 144 -19.50 19.29 -10.56
N GLY A 145 -18.66 20.19 -10.05
CA GLY A 145 -17.44 19.79 -9.34
C GLY A 145 -17.73 18.95 -8.11
N LEU A 146 -18.81 19.27 -7.41
CA LEU A 146 -19.25 18.50 -6.24
C LEU A 146 -19.64 17.08 -6.62
N ARG A 147 -20.38 16.95 -7.72
CA ARG A 147 -20.78 15.65 -8.24
C ARG A 147 -19.57 14.84 -8.69
N GLN A 148 -18.53 15.49 -9.21
CA GLN A 148 -17.27 14.82 -9.49
C GLN A 148 -16.62 14.29 -8.19
N LEU A 149 -16.54 15.13 -7.15
CA LEU A 149 -16.06 14.73 -5.83
C LEU A 149 -16.84 13.55 -5.23
N VAL A 150 -18.16 13.60 -5.32
CA VAL A 150 -19.01 12.50 -4.86
C VAL A 150 -18.60 11.17 -5.50
N MET A 151 -18.40 11.19 -6.82
CA MET A 151 -18.02 9.98 -7.56
C MET A 151 -16.66 9.47 -7.13
N THR A 152 -15.72 10.38 -6.92
CA THR A 152 -14.38 10.05 -6.47
C THR A 152 -14.41 9.42 -5.06
N PHE A 153 -15.18 10.00 -4.15
CA PHE A 153 -15.38 9.40 -2.82
C PHE A 153 -15.94 7.96 -2.88
N GLN A 154 -17.00 7.79 -3.64
CA GLN A 154 -17.62 6.47 -3.79
C GLN A 154 -16.64 5.38 -4.29
N HIS A 155 -15.80 5.75 -5.25
CA HIS A 155 -14.74 4.89 -5.75
C HIS A 155 -13.58 4.72 -4.75
N PHE A 156 -13.13 5.81 -4.15
CA PHE A 156 -12.05 5.72 -3.15
C PHE A 156 -12.41 4.82 -1.94
N MET A 157 -13.62 4.99 -1.44
CA MET A 157 -14.08 4.34 -0.23
C MET A 157 -14.67 2.94 -0.44
N ARG A 158 -14.59 2.42 -1.65
CA ARG A 158 -15.39 1.26 -2.11
C ARG A 158 -15.12 -0.06 -1.37
N GLU A 159 -13.92 -0.20 -0.81
CA GLU A 159 -13.56 -1.35 -0.03
C GLU A 159 -14.14 -1.34 1.39
N GLU A 160 -14.57 -0.17 1.86
CA GLU A 160 -15.12 -0.03 3.20
C GLU A 160 -16.59 0.25 3.21
N ILE A 161 -17.05 0.97 2.21
CA ILE A 161 -18.43 1.45 2.11
C ILE A 161 -18.91 1.19 0.70
N GLN A 162 -20.02 0.47 0.56
CA GLN A 162 -20.61 0.21 -0.77
C GLN A 162 -21.92 0.91 -1.01
N ASP A 163 -22.62 1.33 0.05
CA ASP A 163 -23.92 1.90 -0.15
C ASP A 163 -24.26 2.90 0.93
N ALA A 164 -25.21 3.78 0.63
CA ALA A 164 -25.66 4.83 1.55
C ALA A 164 -26.20 4.25 2.86
N SER A 165 -26.76 3.02 2.82
CA SER A 165 -27.34 2.39 4.01
C SER A 165 -26.28 2.08 5.07
N GLN A 166 -24.99 2.15 4.70
CA GLN A 166 -23.87 1.88 5.63
C GLN A 166 -23.38 3.13 6.38
N LEU A 167 -23.95 4.29 6.08
CA LEU A 167 -23.65 5.53 6.82
C LEU A 167 -24.92 6.08 7.44
N PRO A 168 -24.80 7.01 8.44
CA PRO A 168 -26.02 7.57 9.02
C PRO A 168 -27.00 8.12 8.00
N PRO A 169 -28.31 7.86 8.19
CA PRO A 169 -29.33 8.33 7.24
C PRO A 169 -29.32 9.85 6.96
N ALA A 170 -29.00 10.64 7.97
CA ALA A 170 -29.01 12.07 7.85
C ALA A 170 -27.78 12.57 7.07
N PHE A 171 -26.80 11.69 6.85
CA PHE A 171 -25.64 12.06 6.09
C PHE A 171 -25.90 12.02 4.57
N ASP A 172 -25.65 13.14 3.91
CA ASP A 172 -25.76 13.21 2.47
C ASP A 172 -24.42 13.61 1.85
N LEU A 173 -23.86 12.73 1.04
CA LEU A 173 -22.53 12.94 0.50
C LEU A 173 -22.38 14.25 -0.28
N PHE A 174 -23.33 14.57 -1.16
CA PHE A 174 -23.27 15.82 -1.95
C PHE A 174 -23.26 17.07 -1.06
N GLU A 175 -24.18 17.14 -0.11
CA GLU A 175 -24.23 18.25 0.82
C GLU A 175 -22.99 18.24 1.78
N ALA A 176 -22.43 17.07 2.07
CA ALA A 176 -21.20 17.00 2.85
C ALA A 176 -20.03 17.69 2.14
N PHE A 177 -19.83 17.43 0.84
CA PHE A 177 -18.79 18.14 0.10
C PHE A 177 -19.12 19.65 0.07
N ALA A 178 -20.39 20.01 -0.04
CA ALA A 178 -20.77 21.41 -0.06
C ALA A 178 -20.46 22.11 1.30
N LYS A 179 -20.69 21.40 2.40
CA LYS A 179 -20.31 21.86 3.75
C LYS A 179 -18.81 22.09 3.84
N VAL A 180 -18.03 21.19 3.26
CA VAL A 180 -16.58 21.25 3.33
C VAL A 180 -16.04 22.51 2.64
N ILE A 181 -16.62 22.91 1.52
CA ILE A 181 -16.14 24.05 0.74
C ILE A 181 -16.16 25.32 1.59
N CYS A 182 -17.22 25.53 2.36
CA CYS A 182 -17.35 26.75 3.13
C CYS A 182 -17.19 26.63 4.67
N ASN A 183 -16.72 25.48 5.16
CA ASN A 183 -16.45 25.27 6.57
C ASN A 183 -15.11 24.56 6.88
N SER A 184 -14.23 24.44 5.90
CA SER A 184 -12.92 23.82 6.12
C SER A 184 -11.97 24.82 6.75
N PHE A 185 -11.06 24.31 7.58
CA PHE A 185 -9.95 25.09 8.12
C PHE A 185 -8.65 24.52 7.63
N THR A 186 -7.75 25.41 7.22
CA THR A 186 -6.44 25.05 6.79
C THR A 186 -5.59 25.12 8.03
N ILE A 187 -5.07 23.97 8.45
CA ILE A 187 -4.23 23.84 9.60
C ILE A 187 -2.83 24.22 9.20
N CYS A 188 -2.25 25.16 9.96
CA CYS A 188 -0.92 25.67 9.73
C CYS A 188 0.03 25.26 10.84
N ASN A 189 1.27 24.95 10.47
CA ASN A 189 2.29 24.64 11.49
C ASN A 189 2.79 25.94 12.16
N ALA A 190 3.68 25.80 13.14
CA ALA A 190 4.17 26.92 13.92
C ALA A 190 4.77 28.04 13.08
N GLU A 191 5.34 27.69 11.92
CA GLU A 191 5.99 28.62 10.97
C GLU A 191 5.00 29.15 9.91
N MET A 192 3.71 28.78 10.07
CA MET A 192 2.62 29.16 9.14
C MET A 192 2.66 28.51 7.76
N GLN A 193 3.33 27.39 7.66
CA GLN A 193 3.27 26.56 6.47
C GLN A 193 1.92 25.80 6.55
N GLU A 194 1.13 25.78 5.48
CA GLU A 194 -0.08 24.95 5.41
C GLU A 194 0.30 23.46 5.44
N VAL A 195 -0.28 22.71 6.40
CA VAL A 195 0.09 21.29 6.57
C VAL A 195 -1.07 20.33 6.57
N GLY A 196 -2.28 20.81 6.83
CA GLY A 196 -3.45 19.96 6.91
C GLY A 196 -4.73 20.70 6.62
N VAL A 197 -5.83 19.96 6.67
CA VAL A 197 -7.17 20.51 6.59
C VAL A 197 -8.03 19.77 7.62
N GLY A 198 -8.96 20.46 8.25
CA GLY A 198 -9.86 19.87 9.23
C GLY A 198 -11.21 20.55 9.36
N LEU A 199 -12.13 19.85 10.00
CA LEU A 199 -13.42 20.37 10.38
C LEU A 199 -13.45 20.56 11.88
N TYR A 200 -13.86 21.77 12.28
CA TYR A 200 -13.98 22.19 13.68
C TYR A 200 -15.36 22.86 13.78
N PRO A 201 -16.44 22.06 13.81
CA PRO A 201 -17.79 22.60 13.60
C PRO A 201 -18.18 23.79 14.51
N SER A 202 -17.81 23.74 15.79
CA SER A 202 -18.07 24.85 16.72
C SER A 202 -17.44 26.16 16.28
N ILE A 203 -16.22 26.07 15.75
CA ILE A 203 -15.51 27.22 15.25
C ILE A 203 -16.10 27.69 13.93
N SER A 204 -16.80 26.79 13.21
CA SER A 204 -17.46 27.19 11.96
C SER A 204 -18.62 28.16 12.11
N LEU A 205 -19.03 28.40 13.34
CA LEU A 205 -20.07 29.32 13.65
C LEU A 205 -19.63 30.75 13.40
N LEU A 206 -18.32 31.02 13.49
CA LEU A 206 -17.82 32.40 13.34
C LEU A 206 -17.97 32.89 11.90
N ASN A 207 -18.71 34.01 11.75
CA ASN A 207 -18.76 34.69 10.46
C ASN A 207 -17.47 35.41 10.12
N HIS A 208 -17.30 35.79 8.85
CA HIS A 208 -16.09 36.44 8.36
C HIS A 208 -16.13 37.97 8.48
N SER A 209 -14.96 38.56 8.72
CA SER A 209 -14.70 39.98 8.49
C SER A 209 -13.27 40.19 8.03
N CYS A 210 -13.06 41.23 7.23
CA CYS A 210 -11.74 41.63 6.76
C CYS A 210 -10.98 42.47 7.83
N ASP A 211 -11.67 42.76 8.92
CA ASP A 211 -11.12 43.44 10.10
C ASP A 211 -11.74 42.76 11.35
N PRO A 212 -11.33 41.51 11.62
CA PRO A 212 -11.98 40.70 12.63
C PRO A 212 -11.61 41.08 14.09
N ASN A 213 -12.48 40.70 15.03
CA ASN A 213 -12.14 40.90 16.44
C ASN A 213 -11.56 39.65 17.14
N CYS A 214 -11.56 38.51 16.42
CA CYS A 214 -10.97 37.26 16.89
C CYS A 214 -10.03 36.68 15.87
N SER A 215 -9.20 35.75 16.31
CA SER A 215 -8.26 35.06 15.46
C SER A 215 -8.11 33.62 15.98
N ILE A 216 -7.79 32.71 15.08
CA ILE A 216 -7.45 31.34 15.43
C ILE A 216 -5.95 31.06 15.16
N VAL A 217 -5.40 30.11 15.89
CA VAL A 217 -4.04 29.62 15.66
C VAL A 217 -4.10 28.13 15.95
N PHE A 218 -3.27 27.40 15.23
CA PHE A 218 -3.11 25.98 15.41
C PHE A 218 -1.79 25.72 16.12
N ASN A 219 -1.85 24.76 17.03
CA ASN A 219 -0.70 24.14 17.69
C ASN A 219 -0.83 22.65 17.34
N GLY A 220 -0.16 22.19 16.29
CA GLY A 220 -0.51 20.91 15.69
C GLY A 220 -1.94 20.97 15.17
N PRO A 221 -2.69 19.85 15.29
CA PRO A 221 -4.13 19.82 14.95
C PRO A 221 -5.01 20.67 15.90
N HIS A 222 -4.50 21.02 17.08
CA HIS A 222 -5.29 21.72 18.06
C HIS A 222 -5.50 23.20 17.67
N LEU A 223 -6.74 23.67 17.81
CA LEU A 223 -7.11 25.02 17.45
C LEU A 223 -7.45 25.86 18.68
N LEU A 224 -6.86 27.07 18.78
CA LEU A 224 -7.20 28.01 19.83
C LEU A 224 -7.84 29.27 19.21
N LEU A 225 -9.00 29.66 19.75
CA LEU A 225 -9.73 30.86 19.34
C LEU A 225 -9.53 31.94 20.40
N ARG A 226 -8.99 33.09 20.00
CA ARG A 226 -8.71 34.21 20.93
C ARG A 226 -9.33 35.51 20.44
N ALA A 227 -9.75 36.37 21.37
CA ALA A 227 -10.04 37.77 21.06
C ALA A 227 -8.75 38.48 20.76
N VAL A 228 -8.77 39.40 19.80
CA VAL A 228 -7.54 40.11 19.39
C VAL A 228 -7.68 41.61 19.65
N ARG A 229 -8.81 42.00 20.22
CA ARG A 229 -9.02 43.35 20.73
C ARG A 229 -10.18 43.32 21.75
N ASP A 230 -10.51 44.45 22.36
CA ASP A 230 -11.62 44.50 23.30
C ASP A 230 -12.94 44.34 22.59
N ILE A 231 -13.80 43.54 23.21
CA ILE A 231 -15.07 43.15 22.64
C ILE A 231 -16.14 43.31 23.74
N GLU A 232 -17.30 43.86 23.37
CA GLU A 232 -18.40 44.18 24.29
C GLU A 232 -19.37 43.02 24.40
N VAL A 233 -20.06 42.89 25.54
CA VAL A 233 -21.16 41.92 25.63
C VAL A 233 -22.11 42.09 24.46
N GLY A 234 -22.47 40.96 23.84
CA GLY A 234 -23.39 40.92 22.70
C GLY A 234 -22.79 41.13 21.32
N GLU A 235 -21.52 41.52 21.27
CA GLU A 235 -20.89 41.80 20.00
C GLU A 235 -20.63 40.50 19.22
N GLU A 236 -20.85 40.56 17.92
CA GLU A 236 -20.58 39.40 17.09
C GLU A 236 -19.07 39.15 17.00
N LEU A 237 -18.70 37.88 17.17
CA LEU A 237 -17.32 37.44 17.04
C LEU A 237 -17.06 37.02 15.57
N THR A 238 -15.97 37.52 15.02
CA THR A 238 -15.60 37.26 13.64
C THR A 238 -14.15 36.88 13.53
N ILE A 239 -13.84 36.19 12.45
CA ILE A 239 -12.47 35.88 12.07
C ILE A 239 -12.35 36.22 10.62
N CYS A 240 -11.12 36.41 10.16
CA CYS A 240 -10.89 36.62 8.76
C CYS A 240 -10.64 35.27 8.06
N TYR A 241 -11.47 34.93 7.09
CA TYR A 241 -11.29 33.67 6.35
C TYR A 241 -10.05 33.64 5.41
N LEU A 242 -9.48 34.81 5.11
CA LEU A 242 -8.56 34.98 4.02
C LEU A 242 -7.17 35.47 4.44
N ASP A 243 -6.18 35.15 3.61
CA ASP A 243 -4.87 35.82 3.57
C ASP A 243 -5.03 37.38 3.58
N MET A 244 -4.30 38.01 4.48
CA MET A 244 -4.28 39.49 4.56
C MET A 244 -3.73 40.19 3.28
N LEU A 245 -2.88 39.49 2.54
CA LEU A 245 -2.21 40.09 1.38
C LEU A 245 -3.04 39.84 0.14
N MET A 246 -4.21 40.51 0.10
CA MET A 246 -5.22 40.39 -0.95
C MET A 246 -5.95 41.75 -1.04
N THR A 247 -6.16 42.21 -2.25
CA THR A 247 -6.91 43.43 -2.49
C THR A 247 -8.39 43.18 -2.28
N SER A 248 -9.16 44.24 -2.15
CA SER A 248 -10.59 44.09 -1.94
C SER A 248 -11.26 43.33 -3.11
N GLU A 249 -10.82 43.57 -4.36
CA GLU A 249 -11.37 42.83 -5.49
C GLU A 249 -11.06 41.33 -5.36
N GLU A 250 -9.87 41.01 -4.92
CA GLU A 250 -9.49 39.62 -4.76
C GLU A 250 -10.28 38.92 -3.63
N ARG A 251 -10.42 39.62 -2.50
CA ARG A 251 -11.17 39.10 -1.38
C ARG A 251 -12.63 38.87 -1.76
N ARG A 252 -13.20 39.85 -2.41
CA ARG A 252 -14.58 39.75 -2.86
C ARG A 252 -14.84 38.57 -3.80
N LYS A 253 -13.91 38.32 -4.70
CA LYS A 253 -14.00 37.18 -5.62
C LYS A 253 -13.96 35.83 -4.89
N GLN A 254 -12.99 35.67 -3.98
CA GLN A 254 -12.88 34.46 -3.23
C GLN A 254 -14.10 34.19 -2.32
N LEU A 255 -14.60 35.25 -1.69
CA LEU A 255 -15.69 35.12 -0.76
C LEU A 255 -16.96 34.77 -1.52
N ARG A 256 -17.13 35.36 -2.70
CA ARG A 256 -18.22 35.01 -3.59
C ARG A 256 -18.09 33.56 -4.09
N ASP A 257 -16.94 33.20 -4.64
CA ASP A 257 -16.78 31.90 -5.30
C ASP A 257 -16.77 30.72 -4.33
N GLN A 258 -16.16 30.90 -3.16
CA GLN A 258 -16.03 29.85 -2.22
C GLN A 258 -17.09 29.90 -1.12
N TYR A 259 -17.48 31.08 -0.68
CA TYR A 259 -18.36 31.21 0.48
C TYR A 259 -19.78 31.70 0.19
N CYS A 260 -20.08 31.92 -1.06
CA CYS A 260 -21.39 32.39 -1.47
C CYS A 260 -21.90 33.68 -0.78
N PHE A 261 -21.02 34.65 -0.58
CA PHE A 261 -21.48 35.97 -0.10
C PHE A 261 -20.67 37.14 -0.67
N GLU A 262 -21.29 38.31 -0.69
CA GLU A 262 -20.62 39.58 -1.00
C GLU A 262 -20.19 40.21 0.30
N CYS A 263 -18.89 40.40 0.47
CA CYS A 263 -18.43 41.04 1.68
C CYS A 263 -18.70 42.55 1.65
N ASP A 264 -19.40 43.02 2.67
CA ASP A 264 -19.80 44.44 2.82
C ASP A 264 -19.14 45.08 3.99
N CYS A 265 -18.00 44.51 4.41
CA CYS A 265 -17.27 45.05 5.57
C CYS A 265 -16.69 46.43 5.23
N PHE A 266 -16.34 47.20 6.25
CA PHE A 266 -15.75 48.51 6.02
C PHE A 266 -14.57 48.55 5.01
N ARG A 267 -13.64 47.62 5.17
CA ARG A 267 -12.48 47.49 4.28
C ARG A 267 -12.78 47.23 2.81
N CYS A 268 -13.71 46.31 2.55
CA CYS A 268 -14.14 46.06 1.20
C CYS A 268 -14.88 47.24 0.59
N GLN A 269 -15.74 47.89 1.37
CA GLN A 269 -16.55 48.99 0.85
C GLN A 269 -15.65 50.19 0.45
N THR A 270 -14.56 50.37 1.17
CA THR A 270 -13.72 51.58 1.02
C THR A 270 -12.37 51.30 0.37
N GLN A 271 -12.23 50.11 -0.22
CA GLN A 271 -10.98 49.66 -0.84
C GLN A 271 -9.77 49.85 0.07
N ASP A 272 -9.95 49.56 1.35
CA ASP A 272 -8.93 49.84 2.36
C ASP A 272 -7.60 49.16 2.07
N LYS A 273 -6.56 50.00 1.90
CA LYS A 273 -5.14 49.60 1.64
C LYS A 273 -4.82 49.12 0.22
N ASP A 274 -5.77 49.21 -0.68
CA ASP A 274 -5.59 48.65 -2.03
C ASP A 274 -4.47 49.41 -2.73
N ALA A 275 -4.44 50.74 -2.58
CA ALA A 275 -3.43 51.59 -3.24
C ALA A 275 -2.00 51.23 -2.84
N ASP A 276 -1.75 51.05 -1.54
CA ASP A 276 -0.47 50.53 -1.07
C ASP A 276 -0.13 49.13 -1.55
N MET A 277 -1.13 48.24 -1.58
CA MET A 277 -0.92 46.86 -2.00
C MET A 277 -0.48 46.80 -3.47
N LEU A 278 -1.03 47.70 -4.28
CA LEU A 278 -0.78 47.75 -5.72
C LEU A 278 0.22 48.84 -6.15
N THR A 279 1.12 49.22 -5.24
CA THR A 279 2.24 50.14 -5.53
C THR A 279 3.12 49.69 -6.70
N GLY A 280 3.42 50.63 -7.59
CA GLY A 280 4.26 50.35 -8.74
C GLY A 280 3.41 50.14 -9.98
N ASP A 281 4.04 49.73 -11.06
CA ASP A 281 3.39 49.69 -12.38
C ASP A 281 2.73 48.34 -12.62
N GLU A 282 1.43 48.34 -12.89
CA GLU A 282 0.69 47.14 -13.28
C GLU A 282 1.44 46.25 -14.27
N GLN A 283 2.09 46.83 -15.29
CA GLN A 283 2.75 46.01 -16.29
C GLN A 283 3.92 45.22 -15.68
N VAL A 284 4.51 45.77 -14.62
CA VAL A 284 5.56 45.09 -13.90
C VAL A 284 4.97 44.07 -12.88
N TRP A 285 4.11 44.51 -11.99
CA TRP A 285 3.63 43.58 -10.97
C TRP A 285 2.71 42.44 -11.46
N LYS A 286 2.03 42.62 -12.59
CA LYS A 286 1.24 41.51 -13.14
C LYS A 286 2.12 40.31 -13.42
N GLU A 287 3.37 40.53 -13.81
CA GLU A 287 4.24 39.38 -14.09
C GLU A 287 4.66 38.67 -12.81
N VAL A 288 4.72 39.40 -11.71
CA VAL A 288 5.04 38.84 -10.41
C VAL A 288 3.83 38.00 -9.94
N GLN A 289 2.64 38.55 -10.12
CA GLN A 289 1.44 37.89 -9.66
C GLN A 289 1.34 36.54 -10.33
N GLU A 290 1.64 36.51 -11.64
CA GLU A 290 1.51 35.31 -12.43
C GLU A 290 2.54 34.26 -12.02
N SER A 291 3.77 34.71 -11.79
CA SER A 291 4.84 33.86 -11.32
C SER A 291 4.57 33.20 -9.96
N LEU A 292 3.82 33.89 -9.10
CA LEU A 292 3.48 33.37 -7.77
C LEU A 292 2.65 32.11 -7.83
N LYS A 293 1.97 31.87 -8.94
CA LYS A 293 1.09 30.69 -9.04
C LYS A 293 1.95 29.45 -8.84
N LYS A 294 3.06 29.43 -9.58
CA LYS A 294 4.03 28.35 -9.53
C LYS A 294 4.84 28.33 -8.24
N ILE A 295 5.38 29.50 -7.84
CA ILE A 295 6.10 29.66 -6.58
C ILE A 295 5.31 29.14 -5.39
N GLU A 296 4.03 29.50 -5.29
CA GLU A 296 3.20 29.05 -4.15
C GLU A 296 2.95 27.54 -4.14
N GLU A 297 2.80 26.97 -5.33
CA GLU A 297 2.59 25.53 -5.47
C GLU A 297 3.85 24.73 -5.06
N LEU A 298 5.03 25.19 -5.48
CA LEU A 298 6.33 24.66 -5.05
C LEU A 298 6.49 24.74 -3.54
N LYS A 299 6.11 25.87 -2.97
CA LYS A 299 6.24 26.08 -1.51
C LYS A 299 5.32 25.09 -0.76
N ALA A 300 4.15 24.83 -1.33
CA ALA A 300 3.15 23.98 -0.75
C ALA A 300 3.67 22.54 -0.73
N HIS A 301 4.60 22.23 -1.64
CA HIS A 301 5.21 20.91 -1.72
C HIS A 301 6.61 20.87 -1.14
N TRP A 302 6.91 21.89 -0.34
CA TRP A 302 8.17 22.02 0.38
C TRP A 302 9.40 21.90 -0.55
N LYS A 303 9.28 22.45 -1.77
CA LYS A 303 10.35 22.40 -2.78
C LYS A 303 11.22 23.67 -2.68
N TRP A 304 11.97 23.79 -1.59
CA TRP A 304 12.62 25.04 -1.24
C TRP A 304 13.68 25.56 -2.21
N GLU A 305 14.45 24.66 -2.81
CA GLU A 305 15.48 25.01 -3.77
C GLU A 305 14.83 25.64 -5.01
N GLN A 306 13.75 25.04 -5.48
CA GLN A 306 13.04 25.56 -6.65
C GLN A 306 12.38 26.91 -6.36
N VAL A 307 11.85 27.05 -5.16
CA VAL A 307 11.22 28.28 -4.72
C VAL A 307 12.23 29.40 -4.69
N LEU A 308 13.35 29.15 -4.01
CA LEU A 308 14.44 30.10 -3.93
C LEU A 308 14.90 30.56 -5.33
N ALA A 309 15.13 29.60 -6.22
CA ALA A 309 15.59 29.92 -7.59
C ALA A 309 14.63 30.88 -8.30
N MET A 310 13.35 30.56 -8.24
CA MET A 310 12.36 31.41 -8.84
C MET A 310 12.25 32.81 -8.23
N CYS A 311 12.28 32.89 -6.91
CA CYS A 311 12.19 34.18 -6.22
C CYS A 311 13.39 35.08 -6.47
N GLN A 312 14.59 34.51 -6.45
CA GLN A 312 15.81 35.30 -6.67
C GLN A 312 15.79 35.98 -8.03
N ALA A 313 15.35 35.26 -9.05
CA ALA A 313 15.19 35.80 -10.42
C ALA A 313 14.28 37.02 -10.43
N ILE A 314 13.13 36.90 -9.77
CA ILE A 314 12.17 37.97 -9.62
C ILE A 314 12.72 39.16 -8.78
N ILE A 315 13.30 38.89 -7.61
CA ILE A 315 13.82 39.96 -6.72
C ILE A 315 14.93 40.77 -7.39
N SER A 316 15.89 40.09 -8.02
CA SER A 316 16.96 40.82 -8.69
C SER A 316 16.48 41.62 -9.90
N SER A 317 15.54 41.08 -10.65
CA SER A 317 15.19 41.74 -11.91
C SER A 317 14.25 42.94 -11.71
N ASN A 318 13.54 42.96 -10.57
CA ASN A 318 12.58 44.02 -10.30
C ASN A 318 13.08 45.08 -9.32
N SER A 319 14.31 44.96 -8.88
CA SER A 319 14.84 45.80 -7.81
C SER A 319 14.87 47.29 -8.11
N GLU A 320 14.98 47.62 -9.40
CA GLU A 320 15.11 49.00 -9.82
C GLU A 320 13.75 49.65 -10.03
N ARG A 321 12.69 48.83 -10.08
CA ARG A 321 11.35 49.30 -10.44
C ARG A 321 10.20 49.00 -9.48
N LEU A 322 10.23 47.87 -8.78
CA LEU A 322 9.08 47.47 -7.98
C LEU A 322 9.34 47.47 -6.43
N PRO A 323 8.65 48.35 -5.70
CA PRO A 323 8.75 48.48 -4.25
C PRO A 323 8.28 47.22 -3.50
N ASP A 324 8.87 47.01 -2.33
CA ASP A 324 8.61 45.82 -1.51
C ASP A 324 7.22 45.81 -0.89
N ILE A 325 6.57 46.97 -0.80
CA ILE A 325 5.22 47.06 -0.30
C ILE A 325 4.17 46.48 -1.28
N ASN A 326 4.49 46.44 -2.57
CA ASN A 326 3.60 45.76 -3.52
C ASN A 326 3.36 44.34 -3.02
N ILE A 327 2.10 43.94 -2.87
CA ILE A 327 1.79 42.60 -2.29
C ILE A 327 2.37 41.39 -2.99
N TYR A 328 2.48 41.43 -4.33
CA TYR A 328 3.09 40.38 -5.08
C TYR A 328 4.62 40.31 -4.85
N GLN A 329 5.31 41.44 -4.92
CA GLN A 329 6.72 41.47 -4.55
C GLN A 329 6.93 40.98 -3.08
N LEU A 330 6.03 41.39 -2.19
CA LEU A 330 6.08 41.05 -0.79
C LEU A 330 5.95 39.54 -0.60
N LYS A 331 4.95 38.90 -1.23
CA LYS A 331 4.79 37.46 -1.19
C LYS A 331 6.03 36.71 -1.69
N VAL A 332 6.66 37.23 -2.75
CA VAL A 332 7.90 36.64 -3.23
C VAL A 332 9.05 36.76 -2.21
N LEU A 333 9.17 37.91 -1.53
CA LEU A 333 10.16 38.07 -0.43
C LEU A 333 9.89 37.08 0.70
N ASP A 334 8.62 36.94 1.07
CA ASP A 334 8.26 36.02 2.13
C ASP A 334 8.63 34.56 1.79
N CYS A 335 8.33 34.13 0.57
CA CYS A 335 8.64 32.78 0.11
C CYS A 335 10.14 32.56 0.07
N ALA A 336 10.86 33.59 -0.37
CA ALA A 336 12.33 33.57 -0.43
C ALA A 336 12.95 33.37 0.95
N MET A 337 12.47 34.18 1.91
CA MET A 337 12.86 34.07 3.30
C MET A 337 12.64 32.66 3.83
N ASP A 338 11.41 32.17 3.68
CA ASP A 338 11.09 30.83 4.15
C ASP A 338 11.96 29.74 3.48
N ALA A 339 12.14 29.85 2.16
CA ALA A 339 13.02 28.90 1.46
C ALA A 339 14.43 28.94 2.08
N CYS A 340 14.95 30.14 2.32
CA CYS A 340 16.28 30.27 2.93
C CYS A 340 16.39 29.70 4.33
N ILE A 341 15.36 29.92 5.17
CA ILE A 341 15.35 29.37 6.51
C ILE A 341 15.41 27.83 6.45
N ASN A 342 14.60 27.24 5.58
CA ASN A 342 14.53 25.80 5.47
C ASN A 342 15.80 25.17 4.88
N LEU A 343 16.48 25.91 4.03
CA LEU A 343 17.78 25.50 3.48
C LEU A 343 18.97 25.94 4.34
N GLY A 344 18.71 26.55 5.50
CA GLY A 344 19.78 27.05 6.34
C GLY A 344 20.62 28.18 5.78
N LEU A 345 20.04 28.96 4.87
CA LEU A 345 20.72 30.13 4.31
C LEU A 345 20.30 31.38 5.08
N LEU A 346 20.82 31.49 6.30
CA LEU A 346 20.29 32.40 7.34
C LEU A 346 20.59 33.88 7.15
N GLU A 347 21.77 34.19 6.62
CA GLU A 347 22.09 35.57 6.24
C GLU A 347 21.16 36.07 5.12
N GLU A 348 21.01 35.27 4.07
CA GLU A 348 20.09 35.56 2.97
C GLU A 348 18.65 35.66 3.47
N ALA A 349 18.25 34.79 4.42
CA ALA A 349 16.88 34.77 4.94
C ALA A 349 16.59 36.08 5.66
N LEU A 350 17.58 36.54 6.42
CA LEU A 350 17.41 37.81 7.12
C LEU A 350 17.34 38.95 6.12
N PHE A 351 18.07 38.82 5.03
CA PHE A 351 18.07 39.88 4.01
C PHE A 351 16.62 40.08 3.46
N TYR A 352 15.95 38.97 3.16
CA TYR A 352 14.55 39.03 2.67
C TYR A 352 13.54 39.38 3.76
N GLY A 353 13.69 38.80 4.93
CA GLY A 353 12.78 39.00 6.05
C GLY A 353 12.77 40.41 6.56
N THR A 354 13.95 41.03 6.66
CA THR A 354 14.03 42.43 7.08
C THR A 354 13.18 43.32 6.18
N ARG A 355 13.19 43.06 4.87
CA ARG A 355 12.46 43.88 3.88
C ARG A 355 10.93 43.73 4.01
N THR A 356 10.47 42.63 4.61
CA THR A 356 9.03 42.42 4.83
C THR A 356 8.47 43.13 6.05
N MET A 357 9.34 43.63 6.92
CA MET A 357 8.90 44.16 8.21
C MET A 357 7.93 45.34 8.14
N GLU A 358 8.29 46.45 7.46
CA GLU A 358 7.35 47.56 7.41
C GLU A 358 6.04 47.27 6.67
N PRO A 359 6.10 46.60 5.49
CA PRO A 359 4.86 46.20 4.86
C PRO A 359 3.98 45.31 5.73
N TYR A 360 4.57 44.37 6.49
CA TYR A 360 3.78 43.54 7.44
C TYR A 360 3.11 44.36 8.55
N ARG A 361 3.80 45.40 9.02
CA ARG A 361 3.23 46.28 10.01
C ARG A 361 2.02 47.00 9.42
N ILE A 362 2.10 47.43 8.16
CA ILE A 362 0.98 48.06 7.47
C ILE A 362 -0.20 47.11 7.20
N PHE A 363 0.08 45.90 6.71
CA PHE A 363 -0.95 45.05 6.16
C PHE A 363 -1.56 44.06 7.17
N PHE A 364 -0.88 43.92 8.29
CA PHE A 364 -1.39 43.06 9.39
C PHE A 364 -1.63 43.93 10.65
N PRO A 365 -2.62 44.81 10.62
CA PRO A 365 -2.75 45.77 11.73
C PRO A 365 -3.18 45.12 13.05
N GLY A 366 -2.86 45.80 14.16
CA GLY A 366 -3.17 45.25 15.49
C GLY A 366 -2.39 44.00 15.83
N SER A 367 -3.08 42.93 16.18
CA SER A 367 -2.46 41.69 16.61
C SER A 367 -2.90 40.55 15.69
N HIS A 368 -1.99 40.15 14.81
CA HIS A 368 -2.26 39.07 13.86
C HIS A 368 -1.19 38.01 13.96
N PRO A 369 -1.58 36.73 14.05
CA PRO A 369 -0.57 35.72 14.33
C PRO A 369 0.48 35.60 13.25
N VAL A 370 0.12 35.90 12.01
CA VAL A 370 1.10 35.80 10.93
C VAL A 370 2.22 36.84 11.06
N ARG A 371 1.85 38.05 11.46
CA ARG A 371 2.87 39.04 11.73
C ARG A 371 3.72 38.69 12.99
N GLY A 372 3.08 38.21 14.05
CA GLY A 372 3.81 37.78 15.22
C GLY A 372 4.85 36.73 14.84
N VAL A 373 4.46 35.77 14.03
CA VAL A 373 5.41 34.74 13.60
C VAL A 373 6.53 35.30 12.70
N GLN A 374 6.18 36.24 11.82
CA GLN A 374 7.16 36.86 10.94
C GLN A 374 8.21 37.62 11.73
N VAL A 375 7.76 38.41 12.69
CA VAL A 375 8.67 39.22 13.55
C VAL A 375 9.57 38.28 14.38
N MET A 376 9.01 37.21 14.93
CA MET A 376 9.79 36.21 15.63
C MET A 376 10.86 35.60 14.74
N LYS A 377 10.53 35.28 13.48
CA LYS A 377 11.50 34.73 12.53
C LYS A 377 12.66 35.70 12.29
N VAL A 378 12.34 36.98 12.12
CA VAL A 378 13.38 37.98 11.89
C VAL A 378 14.25 38.18 13.13
N GLY A 379 13.60 38.29 14.30
CA GLY A 379 14.30 38.32 15.61
C GLY A 379 15.27 37.16 15.82
N LYS A 380 14.83 35.95 15.54
CA LYS A 380 15.65 34.74 15.65
C LYS A 380 16.84 34.75 14.68
N LEU A 381 16.60 35.17 13.44
CA LEU A 381 17.68 35.37 12.47
C LEU A 381 18.70 36.41 12.92
N GLN A 382 18.22 37.53 13.44
CA GLN A 382 19.09 38.57 14.00
C GLN A 382 19.97 38.05 15.15
N LEU A 383 19.35 37.32 16.08
CA LEU A 383 20.06 36.71 17.18
C LEU A 383 21.11 35.75 16.65
N HIS A 384 20.77 34.95 15.65
CA HIS A 384 21.73 34.09 15.00
C HIS A 384 22.91 34.88 14.42
N GLN A 385 22.62 36.00 13.77
CA GLN A 385 23.64 36.86 13.14
C GLN A 385 24.37 37.76 14.15
N GLY A 386 24.06 37.60 15.43
CA GLY A 386 24.73 38.35 16.49
C GLY A 386 24.30 39.79 16.61
N MET A 387 23.17 40.14 16.00
CA MET A 387 22.67 41.49 16.08
C MET A 387 21.74 41.62 17.29
N PHE A 388 22.33 41.55 18.47
CA PHE A 388 21.56 41.46 19.71
C PHE A 388 20.57 42.57 20.02
N PRO A 389 20.95 43.85 19.88
CA PRO A 389 19.95 44.84 20.20
C PRO A 389 18.74 44.79 19.26
N GLN A 390 19.00 44.54 17.99
CA GLN A 390 17.94 44.47 16.99
C GLN A 390 17.05 43.25 17.26
N ALA A 391 17.70 42.12 17.53
CA ALA A 391 17.01 40.86 17.81
C ALA A 391 16.12 41.01 19.03
N MET A 392 16.61 41.73 20.04
CA MET A 392 15.89 41.86 21.27
C MET A 392 14.62 42.67 21.11
N LYS A 393 14.70 43.77 20.37
CA LYS A 393 13.53 44.58 20.03
C LYS A 393 12.43 43.79 19.29
N ASN A 394 12.84 43.02 18.30
CA ASN A 394 11.93 42.20 17.49
C ASN A 394 11.36 41.02 18.25
N LEU A 395 12.19 40.31 19.03
CA LEU A 395 11.68 39.25 19.90
C LEU A 395 10.66 39.77 20.92
N ARG A 396 10.89 40.94 21.47
CA ARG A 396 9.91 41.55 22.37
C ARG A 396 8.64 41.95 21.62
N LEU A 397 8.80 42.48 20.42
CA LEU A 397 7.66 42.89 19.61
C LEU A 397 6.82 41.66 19.27
N ALA A 398 7.49 40.57 18.90
CA ALA A 398 6.86 39.29 18.65
C ALA A 398 6.07 38.82 19.86
N PHE A 399 6.67 38.92 21.05
CA PHE A 399 5.92 38.64 22.25
C PHE A 399 4.70 39.53 22.47
N ASP A 400 4.83 40.83 22.25
CA ASP A 400 3.69 41.73 22.40
C ASP A 400 2.52 41.29 21.52
N ILE A 401 2.84 40.78 20.34
CA ILE A 401 1.81 40.33 19.44
C ILE A 401 1.31 38.93 19.83
N MET A 402 2.22 37.99 19.98
CA MET A 402 1.84 36.60 20.19
C MET A 402 1.22 36.29 21.55
N ARG A 403 1.41 37.18 22.51
CA ARG A 403 0.72 37.01 23.78
C ARG A 403 -0.78 37.11 23.56
N VAL A 404 -1.18 37.92 22.57
CA VAL A 404 -2.56 38.11 22.18
C VAL A 404 -3.04 37.00 21.20
N THR A 405 -2.23 36.71 20.20
CA THR A 405 -2.62 35.86 19.05
C THR A 405 -2.42 34.37 19.34
N HIS A 406 -1.44 34.06 20.20
CA HIS A 406 -1.13 32.69 20.50
C HIS A 406 -1.49 32.31 21.94
N GLY A 407 -1.08 33.17 22.89
CA GLY A 407 -1.33 32.97 24.30
C GLY A 407 -0.44 31.92 24.93
N ARG A 408 -0.46 31.85 26.24
CA ARG A 408 0.44 30.99 26.95
C ARG A 408 0.10 29.50 26.83
N GLU A 409 -1.08 29.17 26.31
CA GLU A 409 -1.46 27.80 25.98
C GLU A 409 -0.77 27.26 24.72
N HIS A 410 -0.23 28.14 23.89
CA HIS A 410 0.48 27.75 22.68
C HIS A 410 1.98 27.56 22.97
N SER A 411 2.54 26.46 22.46
CA SER A 411 3.90 26.07 22.80
C SER A 411 4.98 26.99 22.21
N LEU A 412 4.61 27.81 21.24
CA LEU A 412 5.53 28.69 20.60
C LEU A 412 5.96 29.85 21.52
N ILE A 413 5.11 30.20 22.49
CA ILE A 413 5.42 31.21 23.47
C ILE A 413 6.61 30.80 24.37
N GLU A 414 6.63 29.56 24.87
CA GLU A 414 7.81 29.02 25.56
C GLU A 414 9.08 29.10 24.68
N ASP A 415 8.99 28.66 23.42
CA ASP A 415 10.10 28.82 22.46
C ASP A 415 10.60 30.27 22.38
N LEU A 416 9.68 31.21 22.29
CA LEU A 416 9.99 32.62 22.17
C LEU A 416 10.70 33.15 23.44
N ILE A 417 10.18 32.75 24.58
CA ILE A 417 10.79 33.13 25.85
C ILE A 417 12.24 32.62 25.89
N LEU A 418 12.49 31.42 25.41
CA LEU A 418 13.85 30.89 25.38
C LEU A 418 14.77 31.71 24.52
N LEU A 419 14.29 32.19 23.38
CA LEU A 419 15.09 33.09 22.53
C LEU A 419 15.39 34.43 23.20
N LEU A 420 14.41 34.98 23.90
CA LEU A 420 14.58 36.25 24.57
C LEU A 420 15.60 36.11 25.70
N GLU A 421 15.61 34.97 26.36
CA GLU A 421 16.56 34.72 27.47
C GLU A 421 17.96 34.54 26.91
N GLU A 422 18.08 33.77 25.83
CA GLU A 422 19.35 33.60 25.14
C GLU A 422 19.88 34.93 24.63
N CYS A 423 19.01 35.74 24.02
CA CYS A 423 19.40 37.09 23.54
C CYS A 423 19.85 38.02 24.67
N ASP A 424 19.12 37.97 25.77
CA ASP A 424 19.43 38.77 26.94
C ASP A 424 20.79 38.40 27.50
N ALA A 425 21.06 37.11 27.60
CA ALA A 425 22.36 36.60 28.08
C ALA A 425 23.50 37.08 27.19
N ASN A 426 23.31 36.99 25.87
CA ASN A 426 24.26 37.51 24.89
C ASN A 426 24.50 39.01 24.99
N ILE A 427 23.46 39.77 25.32
CA ILE A 427 23.59 41.22 25.52
C ILE A 427 24.44 41.50 26.77
N ARG A 428 24.10 40.86 27.89
CA ARG A 428 24.84 41.00 29.14
C ARG A 428 26.31 40.57 29.01
N ALA A 429 26.55 39.52 28.22
CA ALA A 429 27.90 38.99 27.99
C ALA A 429 28.75 39.88 27.07
N SER A 430 28.10 40.67 26.22
CA SER A 430 28.80 41.54 25.27
C SER A 430 29.44 42.75 25.97
N LEU B 6 -6.31 -42.51 -27.69
CA LEU B 6 -5.19 -41.91 -26.90
C LEU B 6 -4.00 -41.57 -27.79
N LYS B 7 -3.37 -40.44 -27.51
CA LYS B 7 -2.23 -39.95 -28.29
C LYS B 7 -0.89 -40.39 -27.68
N VAL B 8 -0.96 -41.09 -26.54
CA VAL B 8 0.23 -41.50 -25.79
C VAL B 8 0.15 -42.97 -25.39
N GLU B 9 1.31 -43.60 -25.15
CA GLU B 9 1.35 -45.01 -24.75
C GLU B 9 2.55 -45.32 -23.86
N LYS B 10 2.37 -46.27 -22.94
CA LYS B 10 3.48 -46.81 -22.16
C LYS B 10 4.43 -47.57 -23.07
N PHE B 11 5.70 -47.62 -22.69
CA PHE B 11 6.66 -48.49 -23.34
C PHE B 11 7.80 -48.71 -22.37
N ALA B 12 8.60 -49.73 -22.65
CA ALA B 12 9.79 -50.02 -21.86
C ALA B 12 10.94 -49.33 -22.55
N THR B 13 11.61 -48.45 -21.82
CA THR B 13 12.77 -47.74 -22.35
C THR B 13 13.99 -48.65 -22.24
N ALA B 14 15.07 -48.23 -22.89
CA ALA B 14 16.35 -48.95 -22.88
C ALA B 14 17.03 -48.99 -21.51
N ASN B 15 17.13 -47.85 -20.81
CA ASN B 15 17.91 -47.77 -19.57
C ASN B 15 17.28 -47.02 -18.39
N ARG B 16 16.01 -46.65 -18.48
CA ARG B 16 15.38 -45.85 -17.44
C ARG B 16 13.95 -46.32 -17.11
N GLY B 17 13.76 -47.63 -17.12
CA GLY B 17 12.45 -48.25 -16.78
C GLY B 17 11.40 -48.07 -17.86
N ASN B 18 10.16 -47.82 -17.43
CA ASN B 18 9.05 -47.53 -18.31
C ASN B 18 8.99 -46.03 -18.61
N GLY B 19 8.35 -45.67 -19.72
CA GLY B 19 8.20 -44.28 -20.13
C GLY B 19 6.92 -44.11 -20.88
N LEU B 20 6.70 -42.89 -21.36
CA LEU B 20 5.57 -42.57 -22.21
C LEU B 20 6.10 -42.05 -23.56
N ARG B 21 5.44 -42.41 -24.66
CA ARG B 21 5.82 -41.94 -26.00
C ARG B 21 4.62 -41.52 -26.85
N ALA B 22 4.88 -40.73 -27.89
CA ALA B 22 3.83 -40.30 -28.79
C ALA B 22 3.37 -41.46 -29.69
N VAL B 23 2.06 -41.57 -29.84
CA VAL B 23 1.40 -42.54 -30.72
C VAL B 23 1.21 -41.90 -32.10
N THR B 24 0.86 -40.61 -32.09
CA THR B 24 0.67 -39.80 -33.30
C THR B 24 1.59 -38.57 -33.21
N PRO B 25 1.78 -37.85 -34.35
CA PRO B 25 2.51 -36.57 -34.25
C PRO B 25 1.79 -35.57 -33.36
N LEU B 26 2.56 -34.89 -32.51
CA LEU B 26 2.00 -33.93 -31.56
C LEU B 26 2.52 -32.53 -31.85
N ARG B 27 1.66 -31.53 -31.70
CA ARG B 27 2.01 -30.12 -31.92
C ARG B 27 2.07 -29.33 -30.59
N PRO B 28 2.82 -28.20 -30.56
CA PRO B 28 2.91 -27.42 -29.33
C PRO B 28 1.55 -26.95 -28.85
N GLY B 29 1.25 -27.19 -27.57
CA GLY B 29 -0.02 -26.83 -26.99
C GLY B 29 -1.04 -27.96 -26.90
N GLU B 30 -0.73 -29.09 -27.52
CA GLU B 30 -1.70 -30.18 -27.67
C GLU B 30 -1.91 -30.91 -26.36
N LEU B 31 -3.18 -31.11 -26.00
CA LEU B 31 -3.54 -31.86 -24.82
C LEU B 31 -3.31 -33.38 -25.00
N LEU B 32 -2.50 -33.94 -24.12
CA LEU B 32 -2.05 -35.30 -24.24
C LEU B 32 -2.78 -36.22 -23.24
N PHE B 33 -3.16 -35.67 -22.09
CA PHE B 33 -3.77 -36.48 -21.06
C PHE B 33 -4.25 -35.54 -19.98
N ARG B 34 -5.35 -35.91 -19.32
CA ARG B 34 -5.82 -35.16 -18.16
C ARG B 34 -6.21 -36.14 -17.06
N SER B 35 -6.04 -35.71 -15.81
CA SER B 35 -6.27 -36.62 -14.71
C SER B 35 -6.60 -35.92 -13.40
N ASP B 36 -7.61 -36.44 -12.72
CA ASP B 36 -7.77 -36.24 -11.31
C ASP B 36 -6.75 -37.10 -10.56
N PRO B 37 -6.49 -36.75 -9.30
CA PRO B 37 -5.57 -37.56 -8.52
C PRO B 37 -6.14 -38.92 -8.13
N LEU B 38 -5.29 -39.93 -7.99
CA LEU B 38 -5.70 -41.18 -7.30
C LEU B 38 -6.05 -40.83 -5.86
N ALA B 39 -5.17 -40.03 -5.24
CA ALA B 39 -5.40 -39.42 -3.93
C ALA B 39 -4.57 -38.15 -3.82
N TYR B 40 -5.01 -37.20 -3.01
CA TYR B 40 -4.25 -35.96 -2.79
C TYR B 40 -4.58 -35.40 -1.41
N THR B 41 -3.73 -34.47 -0.95
CA THR B 41 -3.99 -33.74 0.29
C THR B 41 -3.41 -32.34 0.15
N VAL B 42 -4.00 -31.39 0.88
CA VAL B 42 -3.43 -30.03 1.04
C VAL B 42 -2.06 -30.22 1.71
N CYS B 43 -1.07 -29.38 1.40
CA CYS B 43 0.24 -29.47 2.02
C CYS B 43 0.31 -28.82 3.41
N LYS B 44 1.35 -29.16 4.15
CA LYS B 44 1.60 -28.63 5.51
C LYS B 44 1.34 -27.12 5.69
N GLY B 45 2.05 -26.33 4.91
CA GLY B 45 1.96 -24.87 4.99
C GLY B 45 0.66 -24.21 4.51
N SER B 46 -0.15 -24.92 3.75
CA SER B 46 -1.38 -24.37 3.16
C SER B 46 -2.63 -24.85 3.89
N ARG B 47 -2.45 -25.74 4.85
CA ARG B 47 -3.56 -26.22 5.69
C ARG B 47 -4.11 -25.05 6.52
N GLY B 48 -5.42 -24.88 6.47
CA GLY B 48 -6.05 -23.77 7.15
C GLY B 48 -6.06 -22.49 6.36
N VAL B 49 -5.31 -22.46 5.25
CA VAL B 49 -5.31 -21.32 4.34
C VAL B 49 -6.13 -21.62 3.09
N VAL B 50 -5.95 -22.79 2.49
CA VAL B 50 -6.72 -23.17 1.34
C VAL B 50 -7.72 -24.27 1.70
N CYS B 51 -8.74 -24.37 0.88
CA CYS B 51 -9.75 -25.39 1.04
C CYS B 51 -9.15 -26.79 0.85
N ASP B 52 -9.42 -27.71 1.77
CA ASP B 52 -9.00 -29.13 1.63
C ASP B 52 -9.36 -29.72 0.27
N ARG B 53 -10.51 -29.31 -0.27
CA ARG B 53 -11.07 -29.93 -1.45
C ARG B 53 -10.56 -29.30 -2.72
N CYS B 54 -10.90 -28.02 -2.91
CA CYS B 54 -10.64 -27.36 -4.18
C CYS B 54 -9.31 -26.62 -4.25
N LEU B 55 -8.65 -26.50 -3.09
CA LEU B 55 -7.29 -25.98 -2.95
C LEU B 55 -7.22 -24.46 -3.31
N LEU B 56 -8.34 -23.74 -3.17
CA LEU B 56 -8.40 -22.29 -3.32
C LEU B 56 -8.27 -21.62 -1.96
N GLY B 57 -7.40 -20.62 -1.87
CA GLY B 57 -7.23 -19.84 -0.63
C GLY B 57 -8.43 -18.94 -0.38
N LYS B 58 -8.81 -18.77 0.87
CA LYS B 58 -10.00 -17.98 1.20
C LYS B 58 -9.77 -17.30 2.51
N GLU B 59 -10.28 -16.09 2.65
CA GLU B 59 -10.24 -15.36 3.93
C GLU B 59 -10.76 -16.19 5.10
N LYS B 60 -11.88 -16.87 4.89
CA LYS B 60 -12.48 -17.67 5.94
C LYS B 60 -12.86 -19.07 5.47
N LEU B 61 -12.52 -20.05 6.31
CA LEU B 61 -12.88 -21.44 6.05
C LEU B 61 -13.70 -21.98 7.21
N MET B 62 -14.51 -22.99 6.94
CA MET B 62 -15.17 -23.73 8.00
C MET B 62 -14.33 -24.96 8.26
N ARG B 63 -14.56 -25.63 9.37
CA ARG B 63 -13.86 -26.87 9.65
C ARG B 63 -14.88 -27.97 9.79
N CYS B 64 -14.47 -29.20 9.48
CA CYS B 64 -15.26 -30.37 9.80
C CYS B 64 -15.54 -30.35 11.31
N SER B 65 -16.81 -30.52 11.67
CA SER B 65 -17.27 -30.50 13.08
C SER B 65 -16.77 -31.67 13.92
N GLN B 66 -16.49 -32.79 13.27
CA GLN B 66 -16.10 -34.04 13.90
C GLN B 66 -14.63 -34.05 14.31
N CYS B 67 -13.72 -33.73 13.40
CA CYS B 67 -12.28 -33.66 13.73
C CYS B 67 -11.77 -32.29 14.07
N ARG B 68 -12.42 -31.26 13.54
CA ARG B 68 -11.97 -29.88 13.65
C ARG B 68 -10.60 -29.65 12.95
N VAL B 69 -10.20 -30.53 12.03
CA VAL B 69 -8.89 -30.41 11.36
C VAL B 69 -9.06 -30.08 9.87
N ALA B 70 -9.92 -30.83 9.17
CA ALA B 70 -10.21 -30.54 7.75
C ALA B 70 -10.97 -29.23 7.65
N LYS B 71 -10.56 -28.44 6.67
CA LYS B 71 -11.09 -27.10 6.45
C LYS B 71 -11.60 -26.93 4.99
N TYR B 72 -12.72 -26.23 4.84
CA TYR B 72 -13.41 -26.13 3.55
C TYR B 72 -13.93 -24.71 3.31
N CYS B 73 -14.06 -24.34 2.03
CA CYS B 73 -14.45 -22.98 1.63
C CYS B 73 -15.95 -22.80 1.60
N SER B 74 -16.65 -23.92 1.72
CA SER B 74 -18.10 -24.01 1.49
C SER B 74 -18.63 -25.32 1.98
N ALA B 75 -19.95 -25.40 2.16
CA ALA B 75 -20.61 -26.66 2.43
C ALA B 75 -20.50 -27.64 1.24
N LYS B 76 -20.53 -27.11 0.03
CA LYS B 76 -20.45 -27.96 -1.16
C LYS B 76 -19.13 -28.75 -1.19
N CYS B 77 -18.01 -28.06 -0.95
CA CYS B 77 -16.72 -28.75 -0.78
C CYS B 77 -16.66 -29.74 0.39
N GLN B 78 -17.20 -29.37 1.55
CA GLN B 78 -17.21 -30.30 2.64
C GLN B 78 -17.92 -31.60 2.23
N LYS B 79 -19.07 -31.48 1.57
CA LYS B 79 -19.83 -32.65 1.13
C LYS B 79 -19.11 -33.44 0.05
N LYS B 80 -18.53 -32.78 -0.95
CA LYS B 80 -17.84 -33.51 -2.02
C LYS B 80 -16.51 -34.12 -1.57
N ALA B 81 -15.96 -33.62 -0.47
CA ALA B 81 -14.76 -34.19 0.13
C ALA B 81 -15.03 -35.39 1.04
N TRP B 82 -16.30 -35.61 1.43
CA TRP B 82 -16.62 -36.69 2.38
C TRP B 82 -16.09 -38.09 2.06
N PRO B 83 -16.32 -38.59 0.83
CA PRO B 83 -15.64 -39.83 0.49
C PRO B 83 -14.16 -39.92 0.81
N ASP B 84 -13.40 -38.86 0.54
CA ASP B 84 -11.97 -38.93 0.80
C ASP B 84 -11.64 -38.68 2.27
N HIS B 85 -12.55 -38.03 2.99
CA HIS B 85 -12.32 -37.63 4.38
C HIS B 85 -12.88 -38.63 5.38
N LYS B 86 -13.93 -39.36 4.97
CA LYS B 86 -14.69 -40.29 5.86
C LYS B 86 -13.78 -41.08 6.78
N ARG B 87 -12.81 -41.79 6.18
CA ARG B 87 -11.92 -42.62 6.93
C ARG B 87 -10.78 -41.89 7.63
N GLU B 88 -10.46 -40.66 7.24
CA GLU B 88 -9.33 -39.99 7.88
C GLU B 88 -9.73 -39.14 9.07
N CYS B 89 -11.00 -38.76 9.13
CA CYS B 89 -11.53 -37.85 10.16
C CYS B 89 -11.12 -38.29 11.58
N LYS B 90 -11.45 -39.51 11.96
CA LYS B 90 -11.09 -40.01 13.31
C LYS B 90 -9.60 -40.05 13.53
N CYS B 91 -8.83 -40.35 12.48
CA CYS B 91 -7.38 -40.38 12.54
C CYS B 91 -6.80 -38.97 12.83
N LEU B 92 -7.25 -37.98 12.06
CA LEU B 92 -6.86 -36.59 12.30
C LEU B 92 -7.30 -36.14 13.70
N LYS B 93 -8.53 -36.48 14.10
CA LYS B 93 -9.02 -36.12 15.42
C LYS B 93 -8.16 -36.70 16.54
N SER B 94 -7.76 -37.94 16.37
CA SER B 94 -7.03 -38.63 17.44
C SER B 94 -5.55 -38.26 17.53
N CYS B 95 -5.03 -37.49 16.57
CA CYS B 95 -3.66 -37.03 16.66
C CYS B 95 -3.49 -35.54 17.07
N LYS B 96 -4.57 -34.76 17.07
CA LYS B 96 -4.54 -33.35 17.44
C LYS B 96 -3.89 -33.15 18.83
N PRO B 97 -3.07 -32.09 19.00
CA PRO B 97 -2.78 -31.01 18.04
C PRO B 97 -1.63 -31.32 17.11
N ARG B 98 -1.11 -32.53 17.17
CA ARG B 98 -0.12 -32.95 16.22
C ARG B 98 -0.81 -33.26 14.86
N TYR B 99 -0.03 -33.25 13.82
CA TYR B 99 -0.54 -33.38 12.46
C TYR B 99 0.57 -34.08 11.71
N PRO B 100 0.20 -35.14 10.94
CA PRO B 100 1.23 -36.00 10.38
C PRO B 100 1.93 -35.36 9.15
N PRO B 101 3.09 -35.90 8.74
CA PRO B 101 3.71 -35.52 7.47
C PRO B 101 2.69 -35.61 6.31
N ASP B 102 2.84 -34.79 5.29
CA ASP B 102 1.92 -34.84 4.14
C ASP B 102 1.88 -36.27 3.49
N SER B 103 3.04 -36.90 3.38
CA SER B 103 3.14 -38.24 2.79
C SER B 103 2.28 -39.26 3.57
N VAL B 104 2.17 -39.08 4.87
CA VAL B 104 1.40 -39.96 5.72
C VAL B 104 -0.07 -39.71 5.49
N ARG B 105 -0.50 -38.45 5.46
CA ARG B 105 -1.89 -38.14 5.13
C ARG B 105 -2.31 -38.65 3.74
N LEU B 106 -1.39 -38.52 2.78
CA LEU B 106 -1.64 -38.93 1.45
C LEU B 106 -1.87 -40.45 1.36
N LEU B 107 -0.94 -41.22 1.91
CA LEU B 107 -1.04 -42.69 1.90
C LEU B 107 -2.23 -43.22 2.68
N GLY B 108 -2.56 -42.54 3.79
CA GLY B 108 -3.83 -42.73 4.47
C GLY B 108 -5.02 -42.71 3.56
N ARG B 109 -5.06 -41.77 2.63
CA ARG B 109 -6.11 -41.71 1.62
C ARG B 109 -5.97 -42.81 0.53
N VAL B 110 -4.75 -43.02 0.05
CA VAL B 110 -4.44 -44.06 -0.94
C VAL B 110 -4.96 -45.48 -0.55
N VAL B 111 -4.70 -45.90 0.68
CA VAL B 111 -4.93 -47.27 1.10
C VAL B 111 -6.41 -47.69 0.93
N PHE B 112 -7.33 -46.78 1.19
CA PHE B 112 -8.75 -47.08 1.07
C PHE B 112 -9.17 -46.92 -0.37
N LYS B 113 -8.47 -46.06 -1.10
CA LYS B 113 -8.74 -45.88 -2.50
C LYS B 113 -8.40 -47.13 -3.30
N LEU B 114 -7.35 -47.83 -2.89
CA LEU B 114 -6.95 -49.08 -3.55
C LEU B 114 -7.95 -50.25 -3.37
N MET B 115 -8.81 -50.15 -2.36
CA MET B 115 -9.84 -51.18 -2.11
C MET B 115 -11.08 -50.97 -2.97
N ASP B 116 -11.16 -49.83 -3.66
CA ASP B 116 -12.28 -49.55 -4.53
C ASP B 116 -12.26 -50.48 -5.74
N GLY B 117 -13.35 -51.22 -5.94
CA GLY B 117 -13.50 -52.14 -7.07
C GLY B 117 -13.64 -51.50 -8.45
N ALA B 118 -14.21 -50.29 -8.50
CA ALA B 118 -14.28 -49.53 -9.76
C ALA B 118 -12.89 -49.00 -10.12
N PRO B 119 -12.44 -49.22 -11.37
CA PRO B 119 -11.09 -48.77 -11.78
C PRO B 119 -10.94 -47.24 -11.67
N SER B 120 -9.76 -46.78 -11.29
CA SER B 120 -9.48 -45.35 -11.23
C SER B 120 -9.00 -44.83 -12.57
N GLU B 121 -9.69 -43.83 -13.11
CA GLU B 121 -9.28 -43.21 -14.39
C GLU B 121 -7.82 -42.77 -14.32
N SER B 122 -7.35 -42.42 -13.12
CA SER B 122 -5.97 -41.97 -12.90
C SER B 122 -4.93 -43.08 -13.11
N GLU B 123 -5.40 -44.33 -13.09
CA GLU B 123 -4.51 -45.48 -13.24
C GLU B 123 -4.70 -46.19 -14.57
N LYS B 124 -5.37 -45.52 -15.50
CA LYS B 124 -5.61 -46.03 -16.85
C LYS B 124 -4.35 -46.54 -17.56
N LEU B 125 -3.25 -45.80 -17.49
CA LEU B 125 -2.01 -46.23 -18.12
C LEU B 125 -1.02 -46.98 -17.21
N TYR B 126 -1.14 -46.78 -15.90
CA TYR B 126 -0.16 -47.23 -14.94
C TYR B 126 -0.79 -47.10 -13.58
N SER B 127 -0.57 -48.08 -12.70
CA SER B 127 -1.28 -48.13 -11.43
C SER B 127 -0.37 -47.81 -10.25
N PHE B 128 -0.98 -47.68 -9.07
CA PHE B 128 -0.19 -47.47 -7.87
C PHE B 128 0.82 -48.59 -7.70
N TYR B 129 0.43 -49.81 -8.03
CA TYR B 129 1.29 -50.95 -7.84
C TYR B 129 2.39 -51.03 -8.89
N ASP B 130 2.14 -50.46 -10.06
CA ASP B 130 3.19 -50.31 -11.08
C ASP B 130 4.31 -49.33 -10.69
N LEU B 131 4.03 -48.38 -9.79
CA LEU B 131 4.98 -47.28 -9.52
C LEU B 131 6.36 -47.72 -9.06
N GLU B 132 7.39 -47.08 -9.60
CA GLU B 132 8.79 -47.30 -9.23
C GLU B 132 9.07 -46.92 -7.80
N SER B 133 9.70 -47.81 -7.04
CA SER B 133 10.06 -47.58 -5.64
C SER B 133 11.57 -47.31 -5.44
N ASN B 134 12.38 -47.65 -6.43
CA ASN B 134 13.84 -47.61 -6.30
C ASN B 134 14.40 -48.20 -5.03
N ILE B 135 13.70 -49.18 -4.45
CA ILE B 135 14.07 -49.76 -3.16
C ILE B 135 15.49 -50.28 -3.16
N ASN B 136 15.91 -50.92 -4.26
CA ASN B 136 17.26 -51.46 -4.37
C ASN B 136 18.33 -50.39 -4.64
N LYS B 137 17.93 -49.12 -4.69
CA LYS B 137 18.87 -48.00 -4.90
C LYS B 137 18.93 -47.06 -3.70
N LEU B 138 17.99 -47.18 -2.77
CA LEU B 138 17.92 -46.24 -1.65
C LEU B 138 19.15 -46.32 -0.76
N THR B 139 19.63 -45.15 -0.34
CA THR B 139 20.66 -45.08 0.68
C THR B 139 20.11 -45.61 2.00
N GLU B 140 20.99 -45.98 2.92
CA GLU B 140 20.59 -46.45 4.25
C GLU B 140 19.88 -45.34 5.03
N ASP B 141 20.38 -44.11 4.90
CA ASP B 141 19.78 -42.92 5.54
C ASP B 141 18.32 -42.70 5.11
N LYS B 142 18.08 -42.85 3.82
CA LYS B 142 16.75 -42.75 3.26
C LYS B 142 15.88 -43.91 3.73
N LYS B 143 16.45 -45.11 3.88
CA LYS B 143 15.71 -46.24 4.42
C LYS B 143 15.29 -46.05 5.88
N GLU B 144 16.13 -45.38 6.65
CA GLU B 144 15.85 -45.08 8.05
C GLU B 144 14.71 -44.08 8.19
N GLY B 145 14.66 -43.10 7.29
CA GLY B 145 13.56 -42.13 7.24
C GLY B 145 12.23 -42.81 6.90
N LEU B 146 12.25 -43.77 5.98
CA LEU B 146 11.04 -44.49 5.60
C LEU B 146 10.53 -45.39 6.71
N ARG B 147 11.45 -45.97 7.47
CA ARG B 147 11.05 -46.79 8.60
C ARG B 147 10.31 -45.93 9.63
N GLN B 148 10.77 -44.69 9.79
CA GLN B 148 10.19 -43.78 10.75
C GLN B 148 8.83 -43.29 10.25
N LEU B 149 8.71 -43.07 8.93
CA LEU B 149 7.42 -42.72 8.30
C LEU B 149 6.39 -43.84 8.43
N VAL B 150 6.83 -45.08 8.20
CA VAL B 150 6.02 -46.27 8.47
C VAL B 150 5.40 -46.29 9.89
N MET B 151 6.24 -46.09 10.90
CA MET B 151 5.80 -45.97 12.29
C MET B 151 4.81 -44.85 12.53
N THR B 152 5.06 -43.68 11.93
CA THR B 152 4.16 -42.54 12.04
C THR B 152 2.81 -42.92 11.43
N PHE B 153 2.86 -43.57 10.26
CA PHE B 153 1.63 -44.02 9.60
C PHE B 153 0.85 -44.99 10.53
N GLN B 154 1.54 -45.94 11.15
CA GLN B 154 0.86 -46.94 11.98
C GLN B 154 0.12 -46.28 13.17
N HIS B 155 0.78 -45.32 13.81
CA HIS B 155 0.17 -44.53 14.87
C HIS B 155 -0.99 -43.68 14.35
N PHE B 156 -0.75 -42.92 13.29
CA PHE B 156 -1.80 -42.08 12.66
C PHE B 156 -3.12 -42.81 12.34
N MET B 157 -3.01 -43.97 11.71
CA MET B 157 -4.15 -44.75 11.25
C MET B 157 -4.81 -45.63 12.32
N ARG B 158 -4.25 -45.65 13.52
CA ARG B 158 -4.63 -46.63 14.54
C ARG B 158 -6.13 -46.73 14.82
N GLU B 159 -6.89 -45.63 14.74
CA GLU B 159 -8.34 -45.69 14.93
C GLU B 159 -9.08 -46.45 13.82
N GLU B 160 -8.46 -46.55 12.64
CA GLU B 160 -9.08 -47.19 11.48
C GLU B 160 -8.44 -48.53 11.09
N ILE B 161 -7.13 -48.61 11.21
CA ILE B 161 -6.34 -49.78 10.80
C ILE B 161 -5.43 -50.17 11.93
N GLN B 162 -5.57 -51.39 12.43
CA GLN B 162 -4.75 -51.89 13.52
C GLN B 162 -3.78 -52.95 13.07
N ASP B 163 -3.97 -53.51 11.87
CA ASP B 163 -3.12 -54.59 11.42
C ASP B 163 -3.06 -54.66 9.91
N ALA B 164 -2.00 -55.25 9.38
CA ALA B 164 -1.79 -55.39 7.92
C ALA B 164 -2.89 -56.21 7.25
N SER B 165 -3.47 -57.14 8.00
CA SER B 165 -4.61 -57.94 7.50
C SER B 165 -5.80 -57.07 7.06
N GLN B 166 -5.80 -55.79 7.46
CA GLN B 166 -6.87 -54.86 7.12
C GLN B 166 -6.60 -54.05 5.82
N LEU B 167 -5.43 -54.20 5.23
CA LEU B 167 -5.13 -53.52 3.96
C LEU B 167 -4.91 -54.57 2.88
N PRO B 168 -4.89 -54.15 1.58
CA PRO B 168 -4.65 -55.20 0.59
C PRO B 168 -3.32 -55.91 0.81
N PRO B 169 -3.28 -57.24 0.60
CA PRO B 169 -2.03 -57.96 0.80
C PRO B 169 -0.87 -57.58 -0.14
N ALA B 170 -1.14 -57.12 -1.37
CA ALA B 170 -0.08 -56.55 -2.21
C ALA B 170 0.49 -55.24 -1.67
N PHE B 171 -0.32 -54.51 -0.91
CA PHE B 171 0.08 -53.19 -0.40
C PHE B 171 1.11 -53.36 0.72
N ASP B 172 2.31 -52.90 0.46
CA ASP B 172 3.40 -52.91 1.44
C ASP B 172 3.74 -51.47 1.87
N LEU B 173 3.73 -51.20 3.16
CA LEU B 173 3.84 -49.83 3.68
C LEU B 173 5.19 -49.16 3.39
N PHE B 174 6.28 -49.86 3.64
CA PHE B 174 7.60 -49.35 3.31
C PHE B 174 7.73 -49.01 1.82
N GLU B 175 7.42 -49.96 0.96
CA GLU B 175 7.46 -49.75 -0.47
C GLU B 175 6.52 -48.65 -0.93
N ALA B 176 5.36 -48.51 -0.29
CA ALA B 176 4.46 -47.36 -0.55
C ALA B 176 5.14 -45.97 -0.32
N PHE B 177 5.82 -45.80 0.78
CA PHE B 177 6.49 -44.55 1.07
C PHE B 177 7.65 -44.32 0.10
N ALA B 178 8.31 -45.40 -0.29
CA ALA B 178 9.35 -45.33 -1.27
C ALA B 178 8.78 -44.88 -2.62
N LYS B 179 7.62 -45.39 -3.00
CA LYS B 179 6.92 -44.93 -4.20
C LYS B 179 6.58 -43.45 -4.14
N VAL B 180 6.04 -43.04 -2.99
CA VAL B 180 5.72 -41.61 -2.73
C VAL B 180 6.92 -40.70 -3.01
N ILE B 181 8.11 -41.07 -2.53
CA ILE B 181 9.32 -40.28 -2.69
C ILE B 181 9.58 -39.90 -4.16
N CYS B 182 9.52 -40.86 -5.09
CA CYS B 182 9.83 -40.57 -6.48
C CYS B 182 8.68 -40.46 -7.46
N ASN B 183 7.44 -40.46 -6.97
CA ASN B 183 6.31 -40.28 -7.87
C ASN B 183 5.28 -39.27 -7.35
N SER B 184 5.63 -38.49 -6.33
CA SER B 184 4.73 -37.44 -5.82
C SER B 184 4.69 -36.26 -6.77
N PHE B 185 3.51 -35.70 -7.01
CA PHE B 185 3.35 -34.43 -7.73
C PHE B 185 2.98 -33.31 -6.77
N THR B 186 3.69 -32.21 -6.87
CA THR B 186 3.39 -31.03 -6.09
C THR B 186 2.37 -30.21 -6.83
N ILE B 187 1.19 -30.12 -6.25
CA ILE B 187 0.11 -29.40 -6.83
C ILE B 187 0.29 -27.93 -6.54
N CYS B 188 0.23 -27.16 -7.63
CA CYS B 188 0.33 -25.72 -7.57
C CYS B 188 -0.99 -25.06 -7.89
N ASN B 189 -1.29 -23.96 -7.22
CA ASN B 189 -2.44 -23.17 -7.56
C ASN B 189 -2.19 -22.31 -8.83
N ALA B 190 -3.22 -21.62 -9.30
CA ALA B 190 -3.13 -20.78 -10.52
C ALA B 190 -1.93 -19.83 -10.51
N GLU B 191 -1.58 -19.32 -9.31
CA GLU B 191 -0.48 -18.36 -9.14
C GLU B 191 0.86 -19.08 -8.93
N MET B 192 0.87 -20.39 -9.09
CA MET B 192 2.06 -21.23 -8.85
C MET B 192 2.58 -21.33 -7.43
N GLN B 193 1.72 -21.04 -6.45
CA GLN B 193 2.00 -21.39 -5.08
C GLN B 193 1.76 -22.92 -4.87
N GLU B 194 2.71 -23.61 -4.23
CA GLU B 194 2.55 -25.01 -3.91
C GLU B 194 1.52 -25.14 -2.79
N VAL B 195 0.46 -25.93 -3.03
CA VAL B 195 -0.69 -26.02 -2.14
C VAL B 195 -1.09 -27.45 -1.74
N GLY B 196 -0.56 -28.46 -2.42
CA GLY B 196 -0.93 -29.83 -2.15
C GLY B 196 0.04 -30.83 -2.73
N VAL B 197 -0.21 -32.10 -2.47
CA VAL B 197 0.58 -33.18 -3.03
C VAL B 197 -0.38 -34.26 -3.46
N GLY B 198 -0.09 -34.88 -4.59
CA GLY B 198 -0.92 -35.98 -5.03
C GLY B 198 -0.17 -37.03 -5.81
N LEU B 199 -0.82 -38.18 -5.97
CA LEU B 199 -0.39 -39.24 -6.85
C LEU B 199 -1.24 -39.23 -8.10
N TYR B 200 -0.58 -39.40 -9.24
CA TYR B 200 -1.30 -39.45 -10.50
C TYR B 200 -0.53 -40.52 -11.29
N PRO B 201 -0.85 -41.80 -11.04
CA PRO B 201 0.03 -42.91 -11.48
C PRO B 201 0.31 -42.91 -13.00
N SER B 202 -0.70 -42.60 -13.82
CA SER B 202 -0.52 -42.64 -15.29
C SER B 202 0.50 -41.60 -15.72
N ILE B 203 0.40 -40.42 -15.12
CA ILE B 203 1.35 -39.33 -15.33
C ILE B 203 2.78 -39.67 -14.83
N SER B 204 2.89 -40.56 -13.84
CA SER B 204 4.18 -40.94 -13.27
C SER B 204 5.03 -41.76 -14.27
N LEU B 205 4.44 -42.13 -15.40
CA LEU B 205 5.15 -42.81 -16.50
C LEU B 205 6.20 -41.90 -17.18
N LEU B 206 5.95 -40.61 -17.15
CA LEU B 206 6.87 -39.62 -17.70
C LEU B 206 8.24 -39.54 -17.00
N ASN B 207 9.28 -39.86 -17.75
CA ASN B 207 10.64 -39.68 -17.29
C ASN B 207 11.05 -38.20 -17.36
N HIS B 208 12.18 -37.89 -16.73
CA HIS B 208 12.60 -36.52 -16.55
C HIS B 208 13.59 -36.01 -17.63
N SER B 209 13.41 -34.75 -18.06
CA SER B 209 14.46 -34.00 -18.77
C SER B 209 14.57 -32.58 -18.23
N CYS B 210 15.78 -32.00 -18.25
CA CYS B 210 15.92 -30.53 -17.99
C CYS B 210 15.56 -29.66 -19.20
N ASP B 211 15.42 -30.29 -20.36
CA ASP B 211 14.90 -29.66 -21.57
C ASP B 211 13.71 -30.48 -22.11
N PRO B 212 12.55 -30.42 -21.41
CA PRO B 212 11.42 -31.30 -21.73
C PRO B 212 10.63 -30.96 -23.00
N ASN B 213 9.94 -31.95 -23.57
CA ASN B 213 9.02 -31.68 -24.67
C ASN B 213 7.55 -31.55 -24.25
N CYS B 214 7.28 -31.77 -22.96
CA CYS B 214 5.94 -31.72 -22.41
C CYS B 214 5.96 -30.95 -21.08
N SER B 215 4.78 -30.51 -20.67
CA SER B 215 4.66 -29.75 -19.41
C SER B 215 3.33 -30.11 -18.77
N ILE B 216 3.30 -30.09 -17.44
CA ILE B 216 2.06 -30.25 -16.67
C ILE B 216 1.62 -28.91 -16.02
N VAL B 217 0.32 -28.76 -15.87
CA VAL B 217 -0.26 -27.63 -15.16
C VAL B 217 -1.47 -28.16 -14.36
N PHE B 218 -1.67 -27.58 -13.17
CA PHE B 218 -2.76 -27.90 -12.30
C PHE B 218 -3.86 -26.86 -12.35
N ASN B 219 -5.09 -27.34 -12.36
CA ASN B 219 -6.27 -26.51 -12.20
C ASN B 219 -7.01 -27.08 -10.98
N GLY B 220 -6.76 -26.54 -9.80
CA GLY B 220 -7.12 -27.23 -8.59
C GLY B 220 -6.35 -28.54 -8.56
N PRO B 221 -6.97 -29.62 -8.06
CA PRO B 221 -6.36 -30.96 -8.08
C PRO B 221 -6.25 -31.58 -9.48
N HIS B 222 -6.96 -31.03 -10.46
CA HIS B 222 -6.90 -31.54 -11.85
C HIS B 222 -5.59 -31.25 -12.60
N LEU B 223 -5.03 -32.27 -13.24
CA LEU B 223 -3.73 -32.15 -13.89
C LEU B 223 -3.95 -32.30 -15.40
N LEU B 224 -3.31 -31.41 -16.15
CA LEU B 224 -3.31 -31.41 -17.59
C LEU B 224 -1.88 -31.59 -18.06
N LEU B 225 -1.68 -32.57 -18.95
CA LEU B 225 -0.40 -32.83 -19.62
C LEU B 225 -0.47 -32.32 -21.07
N ARG B 226 0.40 -31.36 -21.42
CA ARG B 226 0.43 -30.79 -22.78
C ARG B 226 1.78 -30.93 -23.44
N ALA B 227 1.78 -31.04 -24.78
CA ALA B 227 3.02 -30.92 -25.53
C ALA B 227 3.45 -29.46 -25.56
N VAL B 228 4.74 -29.22 -25.43
CA VAL B 228 5.24 -27.83 -25.58
C VAL B 228 6.21 -27.63 -26.76
N ARG B 229 6.35 -28.65 -27.58
CA ARG B 229 7.00 -28.52 -28.89
C ARG B 229 6.40 -29.56 -29.84
N ASP B 230 6.90 -29.60 -31.07
CA ASP B 230 6.53 -30.68 -31.98
C ASP B 230 7.20 -31.95 -31.52
N ILE B 231 6.44 -33.03 -31.53
CA ILE B 231 6.92 -34.34 -31.10
C ILE B 231 6.51 -35.32 -32.18
N GLU B 232 7.44 -36.19 -32.55
CA GLU B 232 7.24 -37.16 -33.63
C GLU B 232 6.77 -38.50 -33.07
N VAL B 233 6.08 -39.29 -33.89
CA VAL B 233 5.66 -40.64 -33.49
C VAL B 233 6.85 -41.41 -32.89
N GLY B 234 6.63 -42.04 -31.73
CA GLY B 234 7.65 -42.88 -31.10
C GLY B 234 8.61 -42.17 -30.19
N GLU B 235 8.63 -40.84 -30.23
CA GLU B 235 9.51 -40.02 -29.41
C GLU B 235 9.04 -40.09 -27.96
N GLU B 236 9.97 -40.35 -27.04
CA GLU B 236 9.69 -40.34 -25.61
C GLU B 236 9.14 -38.98 -25.17
N LEU B 237 8.13 -39.00 -24.31
CA LEU B 237 7.59 -37.78 -23.72
C LEU B 237 8.24 -37.54 -22.35
N THR B 238 8.71 -36.33 -22.13
CA THR B 238 9.41 -35.98 -20.90
C THR B 238 8.80 -34.72 -20.28
N ILE B 239 8.90 -34.63 -18.96
CA ILE B 239 8.66 -33.38 -18.24
C ILE B 239 9.87 -33.08 -17.37
N CYS B 240 9.95 -31.81 -16.91
CA CYS B 240 10.97 -31.47 -15.93
C CYS B 240 10.43 -31.62 -14.49
N TYR B 241 11.11 -32.44 -13.69
CA TYR B 241 10.70 -32.74 -12.33
C TYR B 241 11.01 -31.62 -11.37
N LEU B 242 11.88 -30.70 -11.82
CA LEU B 242 12.57 -29.70 -11.02
C LEU B 242 12.27 -28.24 -11.39
N ASP B 243 12.38 -27.38 -10.39
CA ASP B 243 12.38 -25.90 -10.54
C ASP B 243 13.45 -25.54 -11.55
N MET B 244 13.13 -24.66 -12.48
CA MET B 244 14.10 -24.19 -13.51
C MET B 244 15.26 -23.38 -12.94
N LEU B 245 15.04 -22.76 -11.79
CA LEU B 245 16.04 -21.90 -11.18
C LEU B 245 17.00 -22.65 -10.28
N MET B 246 17.83 -23.47 -10.90
CA MET B 246 18.68 -24.44 -10.21
C MET B 246 19.86 -24.71 -11.11
N THR B 247 21.06 -24.71 -10.55
CA THR B 247 22.28 -24.98 -11.30
C THR B 247 22.34 -26.47 -11.65
N SER B 248 23.11 -26.86 -12.67
CA SER B 248 23.27 -28.28 -12.98
C SER B 248 23.71 -29.12 -11.76
N GLU B 249 24.58 -28.57 -10.92
CA GLU B 249 25.00 -29.23 -9.69
C GLU B 249 23.84 -29.44 -8.72
N GLU B 250 22.97 -28.44 -8.56
CA GLU B 250 21.81 -28.54 -7.65
C GLU B 250 20.80 -29.56 -8.18
N ARG B 251 20.56 -29.56 -9.49
CA ARG B 251 19.73 -30.55 -10.11
C ARG B 251 20.28 -31.97 -9.89
N ARG B 252 21.59 -32.12 -10.09
CA ARG B 252 22.26 -33.40 -9.91
C ARG B 252 22.03 -33.91 -8.50
N LYS B 253 22.25 -33.05 -7.51
CA LYS B 253 22.04 -33.45 -6.14
C LYS B 253 20.59 -33.93 -5.88
N GLN B 254 19.59 -33.16 -6.33
CA GLN B 254 18.21 -33.49 -6.03
C GLN B 254 17.75 -34.76 -6.74
N LEU B 255 18.11 -34.90 -8.01
CA LEU B 255 17.77 -36.07 -8.79
C LEU B 255 18.40 -37.34 -8.27
N ARG B 256 19.61 -37.24 -7.74
CA ARG B 256 20.18 -38.39 -7.05
C ARG B 256 19.48 -38.69 -5.72
N ASP B 257 19.31 -37.67 -4.88
CA ASP B 257 18.78 -37.85 -3.53
C ASP B 257 17.33 -38.29 -3.48
N GLN B 258 16.51 -37.73 -4.36
CA GLN B 258 15.09 -38.03 -4.37
C GLN B 258 14.71 -39.09 -5.37
N TYR B 259 15.34 -39.08 -6.53
CA TYR B 259 14.91 -39.93 -7.62
C TYR B 259 15.90 -41.02 -8.02
N CYS B 260 17.03 -41.11 -7.33
CA CYS B 260 18.02 -42.18 -7.58
C CYS B 260 18.45 -42.30 -9.03
N PHE B 261 18.80 -41.16 -9.66
CA PHE B 261 19.39 -41.19 -10.99
C PHE B 261 20.29 -39.99 -11.28
N GLU B 262 21.04 -40.12 -12.37
CA GLU B 262 21.90 -39.08 -12.92
C GLU B 262 21.32 -38.69 -14.26
N CYS B 263 21.03 -37.40 -14.42
CA CYS B 263 20.47 -36.89 -15.67
C CYS B 263 21.55 -36.74 -16.71
N ASP B 264 21.29 -37.33 -17.88
CA ASP B 264 22.20 -37.27 -19.00
C ASP B 264 21.71 -36.35 -20.13
N CYS B 265 20.82 -35.39 -19.83
CA CYS B 265 20.38 -34.47 -20.88
C CYS B 265 21.52 -33.50 -21.26
N PHE B 266 21.36 -32.78 -22.37
CA PHE B 266 22.41 -31.90 -22.88
C PHE B 266 22.74 -30.76 -21.92
N ARG B 267 21.74 -30.26 -21.17
CA ARG B 267 21.94 -29.16 -20.23
C ARG B 267 22.86 -29.56 -19.07
N CYS B 268 22.63 -30.74 -18.54
CA CYS B 268 23.47 -31.27 -17.48
C CYS B 268 24.86 -31.63 -18.01
N GLN B 269 24.93 -32.15 -19.24
CA GLN B 269 26.22 -32.43 -19.88
C GLN B 269 27.06 -31.13 -20.03
N THR B 270 26.41 -30.02 -20.37
CA THR B 270 27.12 -28.79 -20.73
C THR B 270 27.05 -27.65 -19.72
N GLN B 271 26.51 -27.93 -18.52
CA GLN B 271 26.33 -26.88 -17.47
C GLN B 271 25.61 -25.69 -18.02
N ASP B 272 24.57 -25.97 -18.79
CA ASP B 272 23.88 -24.95 -19.58
C ASP B 272 23.21 -23.90 -18.70
N LYS B 273 23.63 -22.63 -18.88
CA LYS B 273 23.13 -21.44 -18.14
C LYS B 273 23.64 -21.27 -16.70
N ASP B 274 24.55 -22.15 -16.24
CA ASP B 274 25.06 -22.10 -14.85
C ASP B 274 25.79 -20.78 -14.56
N ALA B 275 26.57 -20.29 -15.52
CA ALA B 275 27.32 -19.03 -15.35
C ALA B 275 26.40 -17.86 -15.09
N ASP B 276 25.38 -17.74 -15.94
CA ASP B 276 24.37 -16.74 -15.85
C ASP B 276 23.66 -16.83 -14.48
N MET B 277 23.33 -18.04 -14.05
CA MET B 277 22.68 -18.25 -12.75
C MET B 277 23.52 -17.82 -11.56
N LEU B 278 24.84 -17.90 -11.68
CA LEU B 278 25.74 -17.62 -10.57
C LEU B 278 26.48 -16.27 -10.67
N THR B 279 25.97 -15.39 -11.50
CA THR B 279 26.49 -14.04 -11.70
C THR B 279 26.68 -13.33 -10.35
N GLY B 280 27.83 -12.66 -10.20
CA GLY B 280 28.19 -11.93 -8.99
C GLY B 280 29.16 -12.73 -8.14
N ASP B 281 29.45 -12.20 -6.97
CA ASP B 281 30.43 -12.73 -6.07
C ASP B 281 29.79 -13.72 -5.11
N GLU B 282 30.35 -14.92 -5.07
CA GLU B 282 29.85 -16.01 -4.26
C GLU B 282 29.79 -15.66 -2.77
N GLN B 283 30.75 -14.89 -2.28
CA GLN B 283 30.70 -14.39 -0.90
C GLN B 283 29.46 -13.51 -0.65
N VAL B 284 28.96 -12.87 -1.70
CA VAL B 284 27.74 -12.07 -1.62
C VAL B 284 26.49 -12.98 -1.72
N TRP B 285 26.37 -13.72 -2.82
CA TRP B 285 25.17 -14.54 -3.05
C TRP B 285 24.98 -15.77 -2.13
N LYS B 286 26.06 -16.30 -1.59
CA LYS B 286 25.97 -17.36 -0.57
C LYS B 286 25.02 -16.98 0.56
N GLU B 287 25.04 -15.72 0.95
CA GLU B 287 24.21 -15.23 2.06
C GLU B 287 22.72 -15.13 1.69
N VAL B 288 22.48 -14.81 0.42
CA VAL B 288 21.15 -14.77 -0.14
C VAL B 288 20.58 -16.19 -0.26
N GLN B 289 21.39 -17.13 -0.75
CA GLN B 289 21.07 -18.56 -0.77
C GLN B 289 20.70 -19.10 0.64
N GLU B 290 21.47 -18.72 1.64
CA GLU B 290 21.18 -19.17 2.99
C GLU B 290 19.83 -18.63 3.51
N SER B 291 19.57 -17.36 3.26
CA SER B 291 18.37 -16.71 3.74
C SER B 291 17.10 -17.24 3.09
N LEU B 292 17.23 -17.70 1.85
CA LEU B 292 16.09 -18.25 1.12
C LEU B 292 15.49 -19.50 1.79
N LYS B 293 16.24 -20.19 2.64
CA LYS B 293 15.69 -21.34 3.33
C LYS B 293 14.52 -20.88 4.21
N LYS B 294 14.72 -19.82 4.99
CA LYS B 294 13.65 -19.35 5.84
C LYS B 294 12.58 -18.60 5.06
N ILE B 295 12.97 -17.85 4.03
CA ILE B 295 12.02 -17.14 3.18
C ILE B 295 11.05 -18.13 2.54
N GLU B 296 11.59 -19.22 1.99
CA GLU B 296 10.77 -20.23 1.31
C GLU B 296 9.82 -20.95 2.29
N GLU B 297 10.27 -21.21 3.52
CA GLU B 297 9.40 -21.73 4.58
C GLU B 297 8.26 -20.77 4.92
N LEU B 298 8.58 -19.51 5.17
CA LEU B 298 7.56 -18.48 5.44
C LEU B 298 6.56 -18.39 4.31
N LYS B 299 7.03 -18.36 3.07
CA LYS B 299 6.14 -18.36 1.92
C LYS B 299 5.24 -19.63 1.86
N ALA B 300 5.82 -20.78 2.18
CA ALA B 300 5.09 -22.04 2.14
C ALA B 300 3.91 -21.98 3.13
N HIS B 301 4.07 -21.22 4.21
CA HIS B 301 3.02 -20.98 5.19
C HIS B 301 2.16 -19.75 4.94
N TRP B 302 2.35 -19.10 3.78
CA TRP B 302 1.61 -17.89 3.40
C TRP B 302 1.82 -16.74 4.40
N LYS B 303 3.01 -16.64 4.99
CA LYS B 303 3.31 -15.57 5.93
C LYS B 303 3.89 -14.39 5.18
N TRP B 304 3.04 -13.68 4.44
CA TRP B 304 3.46 -12.68 3.45
C TRP B 304 4.17 -11.47 4.04
N GLU B 305 3.66 -10.97 5.15
CA GLU B 305 4.32 -9.86 5.82
C GLU B 305 5.76 -10.16 6.19
N GLN B 306 6.01 -11.32 6.78
CA GLN B 306 7.36 -11.74 7.18
C GLN B 306 8.27 -12.05 5.98
N VAL B 307 7.70 -12.61 4.91
CA VAL B 307 8.41 -12.78 3.63
C VAL B 307 8.92 -11.43 3.10
N LEU B 308 8.01 -10.48 2.99
CA LEU B 308 8.32 -9.20 2.43
C LEU B 308 9.36 -8.46 3.27
N ALA B 309 9.17 -8.46 4.60
CA ALA B 309 10.18 -7.91 5.50
C ALA B 309 11.58 -8.48 5.23
N MET B 310 11.72 -9.81 5.16
CA MET B 310 13.03 -10.41 4.90
C MET B 310 13.53 -10.04 3.50
N CYS B 311 12.67 -10.16 2.49
CA CYS B 311 13.06 -9.90 1.11
C CYS B 311 13.46 -8.45 0.88
N GLN B 312 12.70 -7.49 1.43
CA GLN B 312 13.03 -6.03 1.36
C GLN B 312 14.43 -5.73 1.83
N ALA B 313 14.77 -6.29 2.98
CA ALA B 313 16.08 -6.08 3.58
C ALA B 313 17.19 -6.65 2.70
N ILE B 314 16.99 -7.86 2.18
CA ILE B 314 17.97 -8.48 1.29
C ILE B 314 18.13 -7.70 -0.01
N ILE B 315 17.03 -7.23 -0.59
CA ILE B 315 17.09 -6.57 -1.87
C ILE B 315 17.78 -5.21 -1.75
N SER B 316 17.37 -4.40 -0.79
CA SER B 316 18.02 -3.11 -0.56
C SER B 316 19.49 -3.27 -0.18
N SER B 317 19.80 -4.19 0.74
CA SER B 317 21.18 -4.31 1.19
C SER B 317 22.18 -4.72 0.08
N ASN B 318 21.72 -5.46 -0.93
CA ASN B 318 22.61 -5.89 -2.02
C ASN B 318 22.54 -5.15 -3.36
N SER B 319 21.85 -4.01 -3.42
CA SER B 319 21.57 -3.31 -4.69
C SER B 319 22.81 -2.76 -5.39
N GLU B 320 23.89 -2.59 -4.63
CA GLU B 320 25.13 -2.03 -5.16
C GLU B 320 26.11 -3.11 -5.70
N ARG B 321 25.81 -4.37 -5.40
CA ARG B 321 26.73 -5.49 -5.61
C ARG B 321 26.18 -6.71 -6.37
N LEU B 322 24.92 -7.08 -6.18
CA LEU B 322 24.43 -8.34 -6.78
C LEU B 322 23.36 -8.16 -7.86
N PRO B 323 23.62 -8.60 -9.10
CA PRO B 323 22.68 -8.51 -10.18
C PRO B 323 21.43 -9.38 -9.97
N ASP B 324 20.33 -8.95 -10.57
CA ASP B 324 19.03 -9.63 -10.44
C ASP B 324 18.98 -10.97 -11.17
N ILE B 325 19.93 -11.21 -12.05
CA ILE B 325 19.97 -12.42 -12.85
C ILE B 325 20.52 -13.59 -12.02
N ASN B 326 21.30 -13.30 -10.98
CA ASN B 326 21.72 -14.31 -10.03
C ASN B 326 20.47 -15.02 -9.47
N ILE B 327 20.43 -16.35 -9.52
CA ILE B 327 19.17 -17.05 -9.25
C ILE B 327 18.66 -16.89 -7.82
N TYR B 328 19.54 -16.62 -6.87
CA TYR B 328 19.17 -16.46 -5.48
C TYR B 328 18.53 -15.11 -5.26
N GLN B 329 19.17 -14.06 -5.79
CA GLN B 329 18.56 -12.75 -5.84
C GLN B 329 17.22 -12.81 -6.58
N LEU B 330 17.16 -13.56 -7.69
CA LEU B 330 15.95 -13.63 -8.51
C LEU B 330 14.78 -14.28 -7.72
N LYS B 331 15.07 -15.36 -7.01
CA LYS B 331 14.08 -16.04 -6.19
C LYS B 331 13.58 -15.10 -5.05
N VAL B 332 14.47 -14.25 -4.56
CA VAL B 332 14.12 -13.24 -3.54
C VAL B 332 13.18 -12.16 -4.11
N LEU B 333 13.47 -11.73 -5.34
CA LEU B 333 12.63 -10.77 -6.03
C LEU B 333 11.25 -11.38 -6.31
N ASP B 334 11.23 -12.62 -6.78
CA ASP B 334 9.99 -13.31 -7.06
C ASP B 334 9.15 -13.46 -5.76
N CYS B 335 9.79 -13.77 -4.64
CA CYS B 335 9.09 -13.92 -3.36
C CYS B 335 8.53 -12.59 -2.88
N ALA B 336 9.31 -11.53 -3.06
CA ALA B 336 8.85 -10.16 -2.75
C ALA B 336 7.65 -9.73 -3.59
N MET B 337 7.70 -9.99 -4.91
CA MET B 337 6.58 -9.75 -5.81
C MET B 337 5.32 -10.50 -5.38
N ASP B 338 5.41 -11.81 -5.17
CA ASP B 338 4.26 -12.57 -4.65
C ASP B 338 3.74 -12.09 -3.27
N ALA B 339 4.63 -11.75 -2.38
CA ALA B 339 4.21 -11.19 -1.09
C ALA B 339 3.42 -9.90 -1.26
N CYS B 340 3.92 -9.01 -2.11
CA CYS B 340 3.25 -7.74 -2.41
C CYS B 340 1.86 -7.93 -3.03
N ILE B 341 1.74 -8.87 -3.98
CA ILE B 341 0.47 -9.14 -4.60
C ILE B 341 -0.53 -9.63 -3.57
N ASN B 342 -0.12 -10.53 -2.69
CA ASN B 342 -0.98 -11.03 -1.62
C ASN B 342 -1.30 -10.02 -0.51
N LEU B 343 -0.46 -9.00 -0.37
CA LEU B 343 -0.71 -7.93 0.59
C LEU B 343 -1.47 -6.77 0.02
N GLY B 344 -1.72 -6.78 -1.29
CA GLY B 344 -2.39 -5.68 -2.01
C GLY B 344 -1.48 -4.50 -2.35
N LEU B 345 -0.16 -4.66 -2.21
CA LEU B 345 0.80 -3.57 -2.48
C LEU B 345 1.28 -3.62 -3.90
N LEU B 346 0.42 -3.19 -4.82
CA LEU B 346 0.58 -3.49 -6.24
C LEU B 346 1.67 -2.71 -6.94
N GLU B 347 1.87 -1.45 -6.55
CA GLU B 347 2.98 -0.68 -7.05
C GLU B 347 4.32 -1.34 -6.72
N GLU B 348 4.49 -1.77 -5.47
CA GLU B 348 5.70 -2.46 -5.03
C GLU B 348 5.85 -3.81 -5.76
N ALA B 349 4.75 -4.55 -5.89
CA ALA B 349 4.75 -5.83 -6.62
C ALA B 349 5.29 -5.62 -8.04
N LEU B 350 4.81 -4.57 -8.74
CA LEU B 350 5.32 -4.25 -10.07
C LEU B 350 6.80 -3.96 -10.09
N PHE B 351 7.30 -3.33 -9.02
CA PHE B 351 8.70 -2.96 -8.93
C PHE B 351 9.58 -4.20 -8.91
N TYR B 352 9.20 -5.18 -8.09
CA TYR B 352 9.97 -6.39 -7.95
C TYR B 352 9.74 -7.28 -9.16
N GLY B 353 8.49 -7.34 -9.62
CA GLY B 353 8.09 -8.20 -10.74
C GLY B 353 8.78 -7.87 -12.04
N THR B 354 8.84 -6.58 -12.38
CA THR B 354 9.45 -6.12 -13.62
C THR B 354 10.90 -6.55 -13.65
N ARG B 355 11.54 -6.56 -12.50
CA ARG B 355 12.95 -6.93 -12.42
C ARG B 355 13.22 -8.42 -12.72
N THR B 356 12.19 -9.24 -12.61
CA THR B 356 12.34 -10.68 -12.93
C THR B 356 12.16 -11.05 -14.41
N MET B 357 11.69 -10.11 -15.22
CA MET B 357 11.27 -10.41 -16.60
C MET B 357 12.36 -10.94 -17.51
N GLU B 358 13.51 -10.26 -17.57
CA GLU B 358 14.59 -10.70 -18.43
C GLU B 358 15.33 -11.93 -17.94
N PRO B 359 15.64 -12.03 -16.64
CA PRO B 359 16.10 -13.32 -16.15
C PRO B 359 15.10 -14.51 -16.43
N TYR B 360 13.79 -14.27 -16.31
CA TYR B 360 12.80 -15.32 -16.63
C TYR B 360 12.84 -15.70 -18.11
N ARG B 361 12.96 -14.70 -18.99
CA ARG B 361 13.08 -14.94 -20.44
C ARG B 361 14.25 -15.87 -20.70
N ILE B 362 15.35 -15.64 -19.99
CA ILE B 362 16.57 -16.39 -20.17
C ILE B 362 16.53 -17.80 -19.59
N PHE B 363 15.98 -17.94 -18.40
CA PHE B 363 16.01 -19.20 -17.66
C PHE B 363 14.83 -20.16 -17.90
N PHE B 364 13.76 -19.67 -18.49
CA PHE B 364 12.57 -20.46 -18.85
C PHE B 364 12.37 -20.41 -20.37
N PRO B 365 13.24 -21.08 -21.13
CA PRO B 365 13.11 -20.99 -22.59
C PRO B 365 11.77 -21.54 -23.14
N GLY B 366 11.40 -21.07 -24.33
CA GLY B 366 10.27 -21.62 -25.07
C GLY B 366 8.97 -21.38 -24.34
N SER B 367 8.24 -22.46 -24.07
CA SER B 367 6.93 -22.34 -23.45
C SER B 367 6.93 -23.07 -22.12
N HIS B 368 6.91 -22.30 -21.03
CA HIS B 368 6.95 -22.85 -19.67
C HIS B 368 5.87 -22.15 -18.86
N PRO B 369 4.99 -22.94 -18.18
CA PRO B 369 3.84 -22.34 -17.54
C PRO B 369 4.18 -21.35 -16.43
N VAL B 370 5.32 -21.56 -15.76
CA VAL B 370 5.77 -20.65 -14.68
C VAL B 370 6.13 -19.27 -15.30
N ARG B 371 6.80 -19.26 -16.46
CA ARG B 371 7.06 -18.00 -17.14
C ARG B 371 5.78 -17.36 -17.64
N GLY B 372 4.86 -18.16 -18.19
CA GLY B 372 3.56 -17.66 -18.60
C GLY B 372 2.80 -16.91 -17.53
N VAL B 373 2.76 -17.52 -16.33
CA VAL B 373 2.11 -16.94 -15.18
C VAL B 373 2.82 -15.69 -14.65
N GLN B 374 4.15 -15.71 -14.66
CA GLN B 374 4.93 -14.53 -14.23
C GLN B 374 4.63 -13.31 -15.12
N VAL B 375 4.61 -13.54 -16.43
CA VAL B 375 4.33 -12.50 -17.40
C VAL B 375 2.93 -11.96 -17.25
N MET B 376 1.96 -12.86 -17.08
CA MET B 376 0.59 -12.46 -16.78
C MET B 376 0.45 -11.57 -15.53
N LYS B 377 1.12 -11.94 -14.44
CA LYS B 377 1.10 -11.13 -13.20
C LYS B 377 1.64 -9.72 -13.44
N VAL B 378 2.77 -9.61 -14.11
CA VAL B 378 3.38 -8.30 -14.42
C VAL B 378 2.42 -7.43 -15.27
N GLY B 379 1.87 -8.04 -16.32
CA GLY B 379 0.92 -7.39 -17.21
C GLY B 379 -0.33 -6.93 -16.49
N LYS B 380 -0.81 -7.75 -15.55
CA LYS B 380 -1.97 -7.39 -14.75
C LYS B 380 -1.61 -6.23 -13.84
N LEU B 381 -0.42 -6.27 -13.25
CA LEU B 381 0.09 -5.18 -12.43
C LEU B 381 0.22 -3.87 -13.23
N GLN B 382 0.75 -3.97 -14.44
CA GLN B 382 0.91 -2.80 -15.30
C GLN B 382 -0.43 -2.16 -15.70
N LEU B 383 -1.40 -3.02 -16.03
CA LEU B 383 -2.77 -2.61 -16.31
C LEU B 383 -3.38 -1.82 -15.15
N HIS B 384 -3.24 -2.35 -13.92
CA HIS B 384 -3.74 -1.69 -12.71
C HIS B 384 -3.14 -0.31 -12.50
N GLN B 385 -1.87 -0.13 -12.90
CA GLN B 385 -1.16 1.13 -12.70
C GLN B 385 -1.18 2.03 -13.94
N GLY B 386 -2.09 1.72 -14.86
CA GLY B 386 -2.33 2.57 -16.03
C GLY B 386 -1.32 2.52 -17.16
N MET B 387 -0.37 1.58 -17.09
CA MET B 387 0.63 1.40 -18.14
C MET B 387 0.06 0.54 -19.26
N PHE B 388 -0.91 1.08 -19.98
CA PHE B 388 -1.70 0.29 -20.94
C PHE B 388 -0.94 -0.38 -22.10
N PRO B 389 0.01 0.34 -22.76
CA PRO B 389 0.73 -0.29 -23.88
C PRO B 389 1.72 -1.37 -23.42
N GLN B 390 2.38 -1.13 -22.28
CA GLN B 390 3.27 -2.11 -21.66
C GLN B 390 2.49 -3.34 -21.23
N ALA B 391 1.38 -3.13 -20.54
CA ALA B 391 0.48 -4.21 -20.12
C ALA B 391 0.04 -5.06 -21.31
N MET B 392 -0.47 -4.40 -22.35
CA MET B 392 -0.96 -5.10 -23.54
C MET B 392 0.11 -6.03 -24.13
N LYS B 393 1.34 -5.54 -24.24
CA LYS B 393 2.47 -6.33 -24.75
C LYS B 393 2.75 -7.56 -23.88
N ASN B 394 2.76 -7.37 -22.56
CA ASN B 394 2.98 -8.48 -21.64
C ASN B 394 1.78 -9.44 -21.58
N LEU B 395 0.58 -8.90 -21.58
CA LEU B 395 -0.63 -9.74 -21.59
C LEU B 395 -0.70 -10.59 -22.86
N ARG B 396 -0.33 -10.01 -24.01
CA ARG B 396 -0.22 -10.77 -25.26
C ARG B 396 0.91 -11.81 -25.23
N LEU B 397 2.00 -11.49 -24.56
CA LEU B 397 3.09 -12.44 -24.39
C LEU B 397 2.67 -13.61 -23.50
N ALA B 398 1.96 -13.32 -22.42
CA ALA B 398 1.41 -14.35 -21.55
C ALA B 398 0.46 -15.26 -22.36
N PHE B 399 -0.40 -14.65 -23.19
CA PHE B 399 -1.31 -15.45 -24.01
C PHE B 399 -0.55 -16.36 -24.96
N ASP B 400 0.50 -15.85 -25.61
CA ASP B 400 1.34 -16.65 -26.50
C ASP B 400 1.96 -17.85 -25.80
N ILE B 401 2.41 -17.66 -24.56
CA ILE B 401 2.99 -18.77 -23.78
C ILE B 401 1.88 -19.72 -23.27
N MET B 402 0.88 -19.14 -22.61
CA MET B 402 -0.17 -19.93 -21.94
C MET B 402 -1.19 -20.60 -22.85
N ARG B 403 -1.32 -20.13 -24.10
CA ARG B 403 -2.07 -20.91 -25.11
C ARG B 403 -1.44 -22.28 -25.33
N VAL B 404 -0.12 -22.35 -25.18
CA VAL B 404 0.58 -23.63 -25.23
C VAL B 404 0.60 -24.40 -23.90
N THR B 405 0.94 -23.72 -22.81
CA THR B 405 1.20 -24.35 -21.52
C THR B 405 -0.06 -24.68 -20.71
N HIS B 406 -1.10 -23.87 -20.89
CA HIS B 406 -2.33 -24.06 -20.14
C HIS B 406 -3.46 -24.55 -21.06
N GLY B 407 -3.59 -23.89 -22.22
CA GLY B 407 -4.66 -24.18 -23.19
C GLY B 407 -6.07 -23.89 -22.70
N ARG B 408 -7.05 -24.09 -23.59
CA ARG B 408 -8.47 -23.75 -23.35
C ARG B 408 -9.09 -24.44 -22.13
N GLU B 409 -8.60 -25.66 -21.85
CA GLU B 409 -9.12 -26.48 -20.75
C GLU B 409 -8.72 -25.92 -19.37
N HIS B 410 -7.82 -24.93 -19.35
CA HIS B 410 -7.47 -24.29 -18.11
C HIS B 410 -8.23 -23.00 -17.83
N SER B 411 -8.86 -22.92 -16.66
CA SER B 411 -9.69 -21.77 -16.28
C SER B 411 -8.95 -20.43 -16.28
N LEU B 412 -7.62 -20.48 -16.13
CA LEU B 412 -6.79 -19.28 -16.10
C LEU B 412 -6.71 -18.56 -17.47
N ILE B 413 -6.92 -19.31 -18.55
CA ILE B 413 -6.95 -18.75 -19.90
C ILE B 413 -8.16 -17.81 -20.10
N GLU B 414 -9.29 -18.17 -19.50
CA GLU B 414 -10.48 -17.31 -19.51
C GLU B 414 -10.19 -15.98 -18.79
N ASP B 415 -9.50 -16.08 -17.65
CA ASP B 415 -9.09 -14.90 -16.87
C ASP B 415 -8.15 -13.98 -17.66
N LEU B 416 -7.18 -14.57 -18.35
CA LEU B 416 -6.24 -13.80 -19.16
C LEU B 416 -6.96 -13.10 -20.31
N ILE B 417 -7.94 -13.78 -20.91
CA ILE B 417 -8.74 -13.18 -22.00
C ILE B 417 -9.56 -11.98 -21.49
N LEU B 418 -10.13 -12.11 -20.29
CA LEU B 418 -10.85 -11.02 -19.64
C LEU B 418 -9.95 -9.78 -19.46
N LEU B 419 -8.71 -10.01 -19.01
CA LEU B 419 -7.72 -8.95 -18.81
C LEU B 419 -7.31 -8.25 -20.11
N LEU B 420 -7.17 -9.03 -21.19
CA LEU B 420 -6.85 -8.50 -22.52
C LEU B 420 -7.97 -7.58 -23.04
N GLU B 421 -9.22 -8.01 -22.85
CA GLU B 421 -10.39 -7.23 -23.22
C GLU B 421 -10.48 -5.95 -22.39
N GLU B 422 -10.24 -6.06 -21.08
CA GLU B 422 -10.27 -4.92 -20.15
C GLU B 422 -9.13 -3.93 -20.41
N CYS B 423 -8.10 -4.38 -21.13
CA CYS B 423 -6.96 -3.54 -21.49
C CYS B 423 -7.18 -2.88 -22.86
N ASP B 424 -8.10 -3.43 -23.65
CA ASP B 424 -8.44 -2.88 -24.97
C ASP B 424 -9.73 -2.06 -24.92
N SFG C . -23.30 31.89 9.04
CA SFG C . -22.86 30.46 9.09
C SFG C . -23.90 29.43 9.58
O SFG C . -23.58 28.26 9.84
OXT SFG C . -25.08 29.76 9.71
CB SFG C . -21.52 30.44 9.92
CG SFG C . -20.22 30.64 9.11
CD SFG C . -19.90 29.60 7.97
NE SFG C . -18.61 28.90 8.29
C5' SFG C . -19.72 30.11 6.52
C4' SFG C . -20.91 30.84 5.83
O4' SFG C . -21.49 31.92 6.61
C3' SFG C . -20.53 31.53 4.54
O3' SFG C . -20.39 30.61 3.48
C2' SFG C . -21.71 32.44 4.31
O2' SFG C . -22.84 31.64 3.96
C1' SFG C . -21.87 32.99 5.73
N9 SFG C . -21.07 34.18 6.03
C8 SFG C . -19.89 34.23 6.74
N7 SFG C . -19.42 35.43 6.85
C5 SFG C . -20.36 36.23 6.18
C6 SFG C . -20.44 37.63 5.93
N6 SFG C . -19.55 38.55 6.38
N1 SFG C . -21.51 38.11 5.23
C2 SFG C . -22.42 37.21 4.79
N3 SFG C . -22.45 35.88 4.96
C4 SFG C . -21.37 35.46 5.67
ZN ZN D . -14.54 42.55 3.52
ZN ZN E . -2.08 2.28 6.53
ZN ZN F . 3.88 12.65 15.04
N SFG G . 10.83 -44.69 -15.37
CA SFG G . 9.74 -44.69 -14.36
C SFG G . 9.04 -46.05 -14.21
O SFG G . 8.01 -46.12 -13.51
OXT SFG G . 9.52 -47.04 -14.79
CB SFG G . 8.78 -43.53 -14.68
CG SFG G . 9.28 -42.20 -14.05
CD SFG G . 9.18 -42.17 -12.47
NE SFG G . 8.11 -41.18 -12.09
C5' SFG G . 10.47 -41.70 -11.79
C4' SFG G . 11.70 -42.61 -11.95
O4' SFG G . 12.02 -42.84 -13.34
C3' SFG G . 13.00 -42.03 -11.35
O3' SFG G . 13.10 -42.13 -9.94
C2' SFG G . 14.07 -42.80 -12.09
O2' SFG G . 14.17 -44.12 -11.58
C1' SFG G . 13.47 -42.85 -13.48
N9 SFG G . 13.88 -41.73 -14.33
C8 SFG G . 13.13 -40.65 -14.69
N7 SFG G . 13.77 -39.83 -15.48
C5 SFG G . 15.00 -40.43 -15.65
C6 SFG G . 16.15 -40.08 -16.40
N6 SFG G . 16.25 -38.91 -17.14
N1 SFG G . 17.22 -40.91 -16.34
C2 SFG G . 17.16 -42.03 -15.61
N3 SFG G . 16.12 -42.47 -14.88
C4 SFG G . 15.08 -41.61 -14.95
ZN ZN H . -13.40 -25.54 -1.75
ZN ZN I . -13.33 -34.53 9.99
ZN ZN J . 19.47 -32.67 -17.21
#